data_6WHF
#
_entry.id   6WHF
#
_cell.length_a   155.185
_cell.length_b   46.298
_cell.length_c   108.854
_cell.angle_alpha   90.000
_cell.angle_beta   116.580
_cell.angle_gamma   90.000
#
_symmetry.space_group_name_H-M   'C 1 2 1'
#
loop_
_entity.id
_entity.type
_entity.pdbx_description
1 polymer Beta-lactamase
2 non-polymer 1,2-ETHANEDIOL
3 non-polymer '(2R)-5-[(acetyloxy)methyl]-2-{(1R)-2-oxo-1-[(thiophen-2-ylacetyl)amino]ethyl}-3,6-dihydro-2H-1,3-thiazine-4-carboxylic acid'
4 water water
#
_entity_poly.entity_id   1
_entity_poly.type   'polypeptide(L)'
_entity_poly.pdbx_seq_one_letter_code
;AAPQQINDIVHRTITPLIEQQKIPGMAVAVIYQGKPYYFTWGYADIAKKQPVTQQTLFELGSVSKTFTGVLGGDAIARGE
IKLSDPTTKYWPELTAKQWNGITLLHLATYTAGGLPLQVPDEVKSSSDLLRFYQNWQPAWAPGTQRLYANSSIGLFGALA
VKPSGLSFEQAMKTRVFQPLKLNHTWINVPSAEEKNYAWGYREGKAVHVSPGALDAEAYGVKSTIEDMARWVQSNLKPLD
INEKTLQQGIQLAQSRYWQTGDMYQGLGWEMLDWPVNPDIIINGSDNKIALAARPVKPITPPTPAVRASWVHKTGATGGF
GSYVAFIPEKELGIVMLANKNYPNPARVAAAWQILNALQ
;
_entity_poly.pdbx_strand_id   A,B
#
loop_
_chem_comp.id
_chem_comp.type
_chem_comp.name
_chem_comp.formula
9EP non-polymer '(2R)-5-[(acetyloxy)methyl]-2-{(1R)-2-oxo-1-[(thiophen-2-ylacetyl)amino]ethyl}-3,6-dihydro-2H-1,3-thiazine-4-carboxylic acid' 'C16 H18 N2 O6 S2'
EDO non-polymer 1,2-ETHANEDIOL 'C2 H6 O2'
#
# COMPACT_ATOMS: atom_id res chain seq x y z
N ALA A 1 22.88 -11.93 -30.76
CA ALA A 1 22.33 -12.79 -29.73
C ALA A 1 23.11 -12.65 -28.42
N ALA A 2 22.62 -13.29 -27.38
CA ALA A 2 23.23 -13.23 -26.06
C ALA A 2 23.69 -14.63 -25.67
N PRO A 3 24.51 -14.78 -24.62
CA PRO A 3 24.75 -16.11 -24.07
C PRO A 3 23.43 -16.81 -23.79
N GLN A 4 23.38 -18.11 -24.09
CA GLN A 4 22.13 -18.85 -23.97
C GLN A 4 21.57 -18.80 -22.56
N GLN A 5 22.45 -18.75 -21.55
CA GLN A 5 21.96 -18.62 -20.18
C GLN A 5 21.17 -17.34 -19.99
N ILE A 6 21.61 -16.24 -20.61
CA ILE A 6 20.86 -14.99 -20.52
C ILE A 6 19.53 -15.10 -21.24
N ASN A 7 19.55 -15.56 -22.49
CA ASN A 7 18.30 -15.77 -23.22
C ASN A 7 17.36 -16.67 -22.42
N ASP A 8 17.91 -17.73 -21.83
CA ASP A 8 17.09 -18.71 -21.12
C ASP A 8 16.39 -18.08 -19.91
N ILE A 9 17.16 -17.45 -19.01
CA ILE A 9 16.54 -16.90 -17.80
C ILE A 9 15.61 -15.74 -18.15
N VAL A 10 15.97 -14.94 -19.15
CA VAL A 10 15.12 -13.80 -19.51
C VAL A 10 13.80 -14.29 -20.09
N HIS A 11 13.85 -15.19 -21.06
CA HIS A 11 12.61 -15.74 -21.62
C HIS A 11 11.76 -16.40 -20.54
N ARG A 12 12.39 -17.19 -19.67
CA ARG A 12 11.64 -17.94 -18.66
C ARG A 12 11.05 -17.02 -17.60
N THR A 13 11.66 -15.85 -17.37
CA THR A 13 11.18 -14.95 -16.33
C THR A 13 10.22 -13.91 -16.87
N ILE A 14 10.57 -13.27 -18.01
CA ILE A 14 9.78 -12.15 -18.50
C ILE A 14 8.50 -12.61 -19.20
N THR A 15 8.56 -13.74 -19.93
CA THR A 15 7.38 -14.19 -20.65
C THR A 15 6.19 -14.42 -19.74
N PRO A 16 6.28 -15.17 -18.64
CA PRO A 16 5.10 -15.28 -17.77
C PRO A 16 4.74 -13.98 -17.08
N LEU A 17 5.72 -13.12 -16.80
CA LEU A 17 5.43 -11.82 -16.21
C LEU A 17 4.53 -10.99 -17.12
N ILE A 18 4.85 -10.95 -18.42
CA ILE A 18 4.05 -10.19 -19.36
C ILE A 18 2.64 -10.75 -19.46
N GLU A 19 2.52 -12.08 -19.46
CA GLU A 19 1.19 -12.69 -19.56
C GLU A 19 0.38 -12.44 -18.29
N GLN A 20 0.99 -12.58 -17.11
CA GLN A 20 0.23 -12.41 -15.88
C GLN A 20 -0.18 -10.95 -15.66
N GLN A 21 0.70 -10.01 -16.01
CA GLN A 21 0.41 -8.60 -15.79
C GLN A 21 -0.26 -7.93 -16.98
N LYS A 22 -0.47 -8.65 -18.08
CA LYS A 22 -1.09 -8.08 -19.29
C LYS A 22 -0.35 -6.83 -19.77
N ILE A 23 0.98 -6.92 -19.81
CA ILE A 23 1.82 -5.81 -20.25
C ILE A 23 1.78 -5.70 -21.78
N PRO A 24 1.39 -4.55 -22.36
CA PRO A 24 1.30 -4.48 -23.82
C PRO A 24 2.64 -4.50 -24.53
N GLY A 25 3.67 -3.88 -23.94
CA GLY A 25 4.97 -3.72 -24.55
C GLY A 25 6.04 -3.62 -23.49
N MET A 26 7.20 -4.21 -23.75
CA MET A 26 8.25 -4.24 -22.76
C MET A 26 9.61 -4.32 -23.43
N ALA A 27 10.59 -3.66 -22.83
CA ALA A 27 11.98 -3.77 -23.26
C ALA A 27 12.83 -4.06 -22.04
N VAL A 28 13.78 -4.98 -22.20
CA VAL A 28 14.68 -5.37 -21.14
C VAL A 28 16.11 -5.31 -21.64
N ALA A 29 17.01 -4.78 -20.81
CA ALA A 29 18.44 -4.88 -21.05
C ALA A 29 19.07 -5.60 -19.88
N VAL A 30 19.89 -6.60 -20.16
CA VAL A 30 20.78 -7.21 -19.17
C VAL A 30 22.19 -6.74 -19.47
N ILE A 31 22.86 -6.22 -18.45
CA ILE A 31 24.26 -5.83 -18.55
C ILE A 31 25.03 -6.93 -17.86
N TYR A 32 25.83 -7.68 -18.63
CA TYR A 32 26.49 -8.89 -18.17
C TYR A 32 27.96 -8.73 -18.51
N GLN A 33 28.81 -8.80 -17.49
CA GLN A 33 30.24 -8.51 -17.64
C GLN A 33 30.46 -7.17 -18.36
N GLY A 34 29.59 -6.20 -18.06
CA GLY A 34 29.71 -4.87 -18.61
C GLY A 34 29.14 -4.66 -20.00
N LYS A 35 28.61 -5.70 -20.65
CA LYS A 35 28.07 -5.56 -22.00
C LYS A 35 26.56 -5.71 -22.00
N PRO A 36 25.85 -4.98 -22.87
CA PRO A 36 24.39 -5.04 -22.88
C PRO A 36 23.80 -6.07 -23.84
N TYR A 37 22.70 -6.66 -23.40
CA TYR A 37 21.92 -7.59 -24.21
C TYR A 37 20.46 -7.19 -24.13
N TYR A 38 19.82 -7.04 -25.29
CA TYR A 38 18.52 -6.42 -25.38
C TYR A 38 17.44 -7.41 -25.77
N PHE A 39 16.23 -7.16 -25.28
CA PHE A 39 15.07 -7.98 -25.54
C PHE A 39 13.85 -7.07 -25.62
N THR A 40 12.98 -7.32 -26.60
CA THR A 40 11.76 -6.54 -26.74
C THR A 40 10.56 -7.45 -26.95
N TRP A 41 9.41 -7.00 -26.47
CA TRP A 41 8.15 -7.71 -26.63
C TRP A 41 7.04 -6.72 -26.91
N GLY A 42 6.07 -7.13 -27.72
CA GLY A 42 4.81 -6.42 -27.74
C GLY A 42 4.84 -5.10 -28.48
N TYR A 43 3.92 -4.22 -28.07
CA TYR A 43 3.55 -3.02 -28.82
C TYR A 43 3.78 -1.76 -28.01
N ALA A 44 4.39 -0.78 -28.67
CA ALA A 44 4.46 0.58 -28.15
C ALA A 44 3.16 1.32 -28.36
N ASP A 45 2.44 0.99 -29.44
CA ASP A 45 1.12 1.54 -29.74
C ASP A 45 0.26 0.37 -30.19
N ILE A 46 -0.70 -0.02 -29.35
CA ILE A 46 -1.51 -1.20 -29.62
C ILE A 46 -2.39 -0.98 -30.85
N ALA A 47 -3.18 0.10 -30.86
CA ALA A 47 -4.14 0.29 -31.94
C ALA A 47 -3.44 0.41 -33.29
N LYS A 48 -2.29 1.07 -33.33
CA LYS A 48 -1.53 1.28 -34.55
C LYS A 48 -0.52 0.18 -34.84
N LYS A 49 -0.46 -0.86 -34.00
CA LYS A 49 0.38 -2.04 -34.22
C LYS A 49 1.86 -1.70 -34.40
N GLN A 50 2.36 -0.78 -33.57
CA GLN A 50 3.75 -0.39 -33.61
C GLN A 50 4.51 -1.20 -32.58
N PRO A 51 5.43 -2.07 -32.98
CA PRO A 51 6.15 -2.88 -31.98
C PRO A 51 7.11 -2.04 -31.16
N VAL A 52 7.34 -2.51 -29.92
CA VAL A 52 8.48 -2.01 -29.16
C VAL A 52 9.76 -2.38 -29.89
N THR A 53 10.68 -1.42 -29.99
CA THR A 53 12.01 -1.62 -30.54
C THR A 53 13.04 -1.08 -29.55
N GLN A 54 14.30 -1.24 -29.89
CA GLN A 54 15.38 -0.69 -29.07
C GLN A 54 15.45 0.83 -29.11
N GLN A 55 14.66 1.48 -29.99
CA GLN A 55 14.55 2.93 -30.05
C GLN A 55 13.27 3.46 -29.42
N THR A 56 12.42 2.58 -28.90
CA THR A 56 11.20 3.04 -28.26
C THR A 56 11.52 3.83 -26.98
N LEU A 57 10.87 4.99 -26.83
CA LEU A 57 10.98 5.80 -25.62
C LEU A 57 9.90 5.39 -24.63
N PHE A 58 10.31 5.14 -23.39
CA PHE A 58 9.40 4.86 -22.28
C PHE A 58 9.51 5.99 -21.27
N GLU A 59 8.40 6.28 -20.59
CA GLU A 59 8.46 7.15 -19.43
C GLU A 59 9.12 6.42 -18.29
N LEU A 60 10.21 6.98 -17.76
CA LEU A 60 10.91 6.35 -16.65
C LEU A 60 10.25 6.59 -15.31
N GLY A 61 9.36 7.58 -15.22
CA GLY A 61 8.80 7.89 -13.92
C GLY A 61 9.91 8.18 -12.93
N SER A 62 9.78 7.66 -11.72
CA SER A 62 10.71 8.04 -10.67
C SER A 62 12.12 7.49 -10.86
N VAL A 63 12.40 6.63 -11.84
CA VAL A 63 13.79 6.34 -12.18
C VAL A 63 14.52 7.62 -12.58
N SER A 64 13.78 8.65 -13.01
CA SER A 64 14.34 9.97 -13.25
C SER A 64 15.15 10.49 -12.07
N LYS A 65 14.77 10.13 -10.85
CA LYS A 65 15.45 10.64 -9.67
C LYS A 65 16.91 10.21 -9.61
N THR A 66 17.29 9.12 -10.29
CA THR A 66 18.69 8.73 -10.34
C THR A 66 19.52 9.73 -11.14
N PHE A 67 18.95 10.27 -12.22
CA PHE A 67 19.64 11.32 -12.95
C PHE A 67 19.75 12.57 -12.10
N THR A 68 18.67 12.92 -11.39
CA THR A 68 18.74 14.09 -10.52
C THR A 68 19.80 13.92 -9.43
N GLY A 69 19.89 12.73 -8.84
CA GLY A 69 20.87 12.51 -7.80
C GLY A 69 22.30 12.63 -8.32
N VAL A 70 22.56 12.09 -9.50
CA VAL A 70 23.89 12.19 -10.10
C VAL A 70 24.22 13.62 -10.49
N LEU A 71 23.25 14.36 -11.03
CA LEU A 71 23.50 15.75 -11.36
C LEU A 71 23.82 16.56 -10.11
N GLY A 72 23.12 16.27 -9.00
CA GLY A 72 23.47 16.89 -7.73
C GLY A 72 24.85 16.48 -7.25
N GLY A 73 25.19 15.19 -7.40
CA GLY A 73 26.55 14.76 -7.07
C GLY A 73 27.60 15.49 -7.88
N ASP A 74 27.34 15.70 -9.17
CA ASP A 74 28.30 16.42 -10.01
C ASP A 74 28.46 17.86 -9.52
N ALA A 75 27.36 18.49 -9.07
CA ALA A 75 27.45 19.85 -8.55
C ALA A 75 28.27 19.89 -7.26
N ILE A 76 28.11 18.89 -6.40
CA ILE A 76 28.96 18.78 -5.21
C ILE A 76 30.42 18.69 -5.61
N ALA A 77 30.73 17.81 -6.56
CA ALA A 77 32.11 17.61 -7.01
C ALA A 77 32.68 18.87 -7.65
N ARG A 78 31.86 19.69 -8.28
CA ARG A 78 32.31 20.94 -8.86
C ARG A 78 32.55 22.02 -7.81
N GLY A 79 32.21 21.75 -6.55
CA GLY A 79 32.31 22.76 -5.52
C GLY A 79 31.21 23.80 -5.55
N GLU A 80 30.10 23.53 -6.25
CA GLU A 80 29.02 24.49 -6.40
C GLU A 80 28.02 24.45 -5.26
N ILE A 81 27.81 23.28 -4.67
CA ILE A 81 26.92 23.12 -3.53
C ILE A 81 27.56 22.17 -2.53
N LYS A 82 27.08 22.21 -1.29
CA LYS A 82 27.36 21.19 -0.28
C LYS A 82 26.04 20.69 0.29
N LEU A 83 25.97 19.39 0.62
CA LEU A 83 24.71 18.86 1.14
C LEU A 83 24.34 19.45 2.49
N SER A 84 25.33 19.92 3.25
CA SER A 84 25.06 20.59 4.51
C SER A 84 24.57 22.03 4.32
N ASP A 85 24.53 22.55 3.08
CA ASP A 85 24.07 23.92 2.88
C ASP A 85 22.58 24.03 3.24
N PRO A 86 22.16 25.10 3.90
CA PRO A 86 20.73 25.30 4.16
C PRO A 86 19.99 25.54 2.85
N THR A 87 18.75 25.05 2.80
CA THR A 87 17.90 25.29 1.63
C THR A 87 17.82 26.78 1.31
N THR A 88 17.74 27.61 2.36
CA THR A 88 17.56 29.05 2.19
C THR A 88 18.76 29.73 1.55
N LYS A 89 19.94 29.09 1.55
CA LYS A 89 21.07 29.64 0.82
C LYS A 89 20.76 29.78 -0.67
N TYR A 90 19.99 28.86 -1.23
CA TYR A 90 19.67 28.86 -2.65
C TYR A 90 18.28 29.39 -2.95
N TRP A 91 17.43 29.54 -1.95
CA TRP A 91 16.10 30.14 -2.11
C TRP A 91 15.85 31.04 -0.92
N PRO A 92 16.40 32.26 -0.94
CA PRO A 92 16.27 33.15 0.23
C PRO A 92 14.84 33.59 0.49
N GLU A 93 13.96 33.53 -0.51
CA GLU A 93 12.57 33.88 -0.30
C GLU A 93 11.82 32.88 0.56
N LEU A 94 12.41 31.69 0.78
CA LEU A 94 11.84 30.69 1.67
C LEU A 94 12.16 31.09 3.10
N THR A 95 11.41 32.07 3.61
CA THR A 95 11.71 32.69 4.90
C THR A 95 10.96 32.06 6.07
N ALA A 96 9.97 31.20 5.82
CA ALA A 96 9.17 30.67 6.91
C ALA A 96 10.04 29.85 7.86
N LYS A 97 9.74 29.95 9.16
CA LYS A 97 10.65 29.49 10.21
C LYS A 97 10.91 27.98 10.15
N GLN A 98 9.96 27.21 9.63
CA GLN A 98 10.12 25.76 9.58
C GLN A 98 11.26 25.34 8.65
N TRP A 99 11.73 26.22 7.77
CA TRP A 99 12.84 25.92 6.87
C TRP A 99 14.21 26.08 7.52
N ASN A 100 14.29 26.75 8.67
CA ASN A 100 15.53 26.81 9.43
C ASN A 100 15.93 25.40 9.85
N GLY A 101 17.09 24.95 9.37
CA GLY A 101 17.59 23.63 9.69
C GLY A 101 17.37 22.57 8.63
N ILE A 102 16.65 22.88 7.55
CA ILE A 102 16.44 21.93 6.47
C ILE A 102 17.51 22.18 5.42
N THR A 103 18.36 21.19 5.21
CA THR A 103 19.50 21.31 4.30
C THR A 103 19.20 20.64 2.98
N LEU A 104 20.11 20.84 2.03
CA LEU A 104 20.00 20.14 0.76
C LEU A 104 20.02 18.64 0.96
N LEU A 105 20.82 18.14 1.91
CA LEU A 105 20.80 16.71 2.19
C LEU A 105 19.39 16.22 2.50
N HIS A 106 18.68 16.95 3.35
CA HIS A 106 17.34 16.52 3.73
C HIS A 106 16.41 16.49 2.53
N LEU A 107 16.52 17.49 1.65
CA LEU A 107 15.69 17.49 0.45
C LEU A 107 16.01 16.31 -0.44
N ALA A 108 17.30 16.08 -0.67
CA ALA A 108 17.73 15.04 -1.61
C ALA A 108 17.31 13.65 -1.15
N THR A 109 17.18 13.44 0.16
CA THR A 109 17.01 12.11 0.73
C THR A 109 15.64 11.92 1.38
N TYR A 110 14.70 12.83 1.14
CA TYR A 110 13.32 12.71 1.61
C TYR A 110 13.19 12.80 3.13
N THR A 111 14.12 13.50 3.78
CA THR A 111 14.18 13.51 5.24
C THR A 111 13.91 14.91 5.81
N ALA A 112 13.29 15.79 5.05
CA ALA A 112 13.06 17.14 5.54
C ALA A 112 12.00 17.23 6.62
N GLY A 113 11.16 16.19 6.78
CA GLY A 113 10.19 16.15 7.85
C GLY A 113 8.75 16.06 7.39
N GLY A 114 8.51 15.44 6.26
CA GLY A 114 7.16 15.20 5.80
C GLY A 114 6.72 15.96 4.56
N LEU A 115 7.64 16.46 3.75
CA LEU A 115 7.24 17.01 2.46
C LEU A 115 6.45 15.95 1.71
N PRO A 116 5.35 16.33 1.05
CA PRO A 116 4.41 15.32 0.56
C PRO A 116 4.87 14.63 -0.72
N LEU A 117 4.29 13.46 -0.91
CA LEU A 117 4.65 12.65 -2.08
C LEU A 117 4.56 13.44 -3.37
N GLN A 118 3.48 14.17 -3.57
CA GLN A 118 3.28 14.92 -4.80
C GLN A 118 3.26 16.41 -4.52
N VAL A 119 3.83 17.18 -5.45
CA VAL A 119 3.47 18.59 -5.53
C VAL A 119 2.02 18.70 -5.96
N PRO A 120 1.19 19.49 -5.30
CA PRO A 120 -0.22 19.59 -5.72
C PRO A 120 -0.34 20.01 -7.17
N ASP A 121 -1.35 19.45 -7.85
CA ASP A 121 -1.59 19.79 -9.26
C ASP A 121 -1.85 21.28 -9.43
N GLU A 122 -2.39 21.93 -8.39
CA GLU A 122 -2.70 23.36 -8.42
C GLU A 122 -1.44 24.22 -8.39
N VAL A 123 -0.29 23.64 -8.09
CA VAL A 123 0.95 24.38 -7.93
C VAL A 123 1.71 24.26 -9.24
N LYS A 124 1.82 25.35 -9.98
CA LYS A 124 2.40 25.33 -11.31
C LYS A 124 3.57 26.29 -11.49
N SER A 125 3.42 27.54 -11.05
CA SER A 125 4.45 28.55 -11.24
C SER A 125 5.41 28.55 -10.05
N SER A 126 6.51 29.29 -10.20
N SER A 126 6.50 29.31 -10.18
CA SER A 126 7.43 29.47 -9.08
CA SER A 126 7.43 29.45 -9.07
C SER A 126 6.72 30.13 -7.91
C SER A 126 6.80 30.22 -7.91
N SER A 127 5.84 31.09 -8.19
CA SER A 127 5.12 31.76 -7.10
C SER A 127 4.21 30.78 -6.37
N ASP A 128 3.53 29.90 -7.12
CA ASP A 128 2.74 28.86 -6.49
C ASP A 128 3.63 27.96 -5.63
N LEU A 129 4.79 27.58 -6.17
N LEU A 129 4.81 27.62 -6.16
CA LEU A 129 5.70 26.71 -5.42
CA LEU A 129 5.72 26.72 -5.45
C LEU A 129 6.13 27.38 -4.12
C LEU A 129 6.21 27.36 -4.15
N LEU A 130 6.49 28.66 -4.18
CA LEU A 130 6.90 29.34 -2.97
C LEU A 130 5.79 29.34 -1.91
N ARG A 131 4.56 29.63 -2.32
CA ARG A 131 3.44 29.59 -1.39
C ARG A 131 3.27 28.19 -0.80
N PHE A 132 3.40 27.17 -1.66
CA PHE A 132 3.30 25.78 -1.21
C PHE A 132 4.31 25.49 -0.11
N TYR A 133 5.60 25.75 -0.38
CA TYR A 133 6.63 25.44 0.60
C TYR A 133 6.55 26.33 1.83
N GLN A 134 6.09 27.58 1.70
CA GLN A 134 5.97 28.46 2.85
C GLN A 134 4.84 28.03 3.78
N ASN A 135 3.78 27.45 3.23
CA ASN A 135 2.62 27.02 4.00
C ASN A 135 2.78 25.63 4.59
N TRP A 136 3.68 24.82 4.02
CA TRP A 136 3.88 23.45 4.46
C TRP A 136 4.36 23.42 5.90
N GLN A 137 3.71 22.59 6.71
CA GLN A 137 4.13 22.42 8.10
C GLN A 137 4.68 21.02 8.29
N PRO A 138 5.93 20.88 8.76
CA PRO A 138 6.49 19.53 8.92
C PRO A 138 5.80 18.76 10.03
N ALA A 139 5.71 17.45 9.81
CA ALA A 139 5.24 16.53 10.84
C ALA A 139 6.35 16.15 11.79
N TRP A 140 7.61 16.21 11.34
CA TRP A 140 8.74 15.70 12.11
C TRP A 140 9.91 16.66 11.97
N ALA A 141 10.83 16.60 12.94
CA ALA A 141 12.07 17.34 12.81
C ALA A 141 12.87 16.82 11.61
N PRO A 142 13.72 17.65 11.03
CA PRO A 142 14.54 17.19 9.90
C PRO A 142 15.45 16.04 10.32
N GLY A 143 15.68 15.10 9.40
CA GLY A 143 16.65 14.06 9.62
C GLY A 143 16.19 12.93 10.52
N THR A 144 14.89 12.79 10.72
CA THR A 144 14.34 11.76 11.61
C THR A 144 13.46 10.75 10.89
N GLN A 145 12.75 11.15 9.84
CA GLN A 145 11.86 10.26 9.12
C GLN A 145 12.08 10.44 7.63
N ARG A 146 12.13 9.33 6.92
CA ARG A 146 12.18 9.33 5.47
C ARG A 146 10.77 9.14 4.95
N LEU A 147 10.30 10.07 4.12
CA LEU A 147 8.99 9.98 3.48
C LEU A 147 9.21 10.26 2.00
N TYR A 148 9.21 9.20 1.20
CA TYR A 148 9.49 9.33 -0.23
C TYR A 148 8.61 10.41 -0.84
N ALA A 149 9.22 11.32 -1.60
CA ALA A 149 8.48 12.54 -1.97
C ALA A 149 9.08 13.21 -3.19
N ASN A 150 8.24 13.39 -4.22
CA ASN A 150 8.63 14.18 -5.38
C ASN A 150 8.87 15.64 -5.01
N SER A 151 8.10 16.16 -4.04
CA SER A 151 8.29 17.56 -3.63
C SER A 151 9.60 17.80 -2.87
N SER A 152 10.27 16.74 -2.42
CA SER A 152 11.52 16.87 -1.69
C SER A 152 12.69 16.84 -2.66
N ILE A 153 12.87 15.72 -3.36
CA ILE A 153 13.99 15.64 -4.28
C ILE A 153 13.78 16.56 -5.47
N GLY A 154 12.52 16.85 -5.83
CA GLY A 154 12.29 17.80 -6.90
C GLY A 154 12.85 19.16 -6.57
N LEU A 155 12.69 19.61 -5.32
CA LEU A 155 13.23 20.89 -4.92
C LEU A 155 14.74 20.83 -4.84
N PHE A 156 15.29 19.72 -4.35
CA PHE A 156 16.74 19.54 -4.38
C PHE A 156 17.30 19.77 -5.77
N GLY A 157 16.71 19.11 -6.78
CA GLY A 157 17.24 19.25 -8.13
C GLY A 157 17.16 20.69 -8.63
N ALA A 158 16.05 21.37 -8.35
CA ALA A 158 15.87 22.74 -8.82
C ALA A 158 16.90 23.67 -8.18
N LEU A 159 17.20 23.46 -6.91
CA LEU A 159 18.15 24.33 -6.20
C LEU A 159 19.60 23.95 -6.50
N ALA A 160 19.88 22.66 -6.71
CA ALA A 160 21.25 22.21 -6.90
C ALA A 160 21.88 22.82 -8.15
N VAL A 161 21.08 23.20 -9.14
CA VAL A 161 21.60 23.76 -10.38
C VAL A 161 21.74 25.28 -10.35
N LYS A 162 21.30 25.93 -9.28
CA LYS A 162 21.31 27.40 -9.28
C LYS A 162 22.71 27.98 -9.43
N PRO A 163 23.73 27.54 -8.69
CA PRO A 163 25.07 28.12 -8.91
C PRO A 163 25.56 28.02 -10.33
N SER A 164 25.21 26.96 -11.06
CA SER A 164 25.67 26.79 -12.43
C SER A 164 25.16 27.87 -13.37
N GLY A 165 24.05 28.53 -13.01
CA GLY A 165 23.43 29.47 -13.92
C GLY A 165 22.61 28.83 -15.02
N LEU A 166 22.47 27.51 -15.01
CA LEU A 166 21.74 26.80 -16.04
C LEU A 166 20.36 26.38 -15.51
N SER A 167 19.40 26.26 -16.43
CA SER A 167 18.15 25.61 -16.09
C SER A 167 18.42 24.15 -15.73
N PHE A 168 17.49 23.53 -14.99
CA PHE A 168 17.67 22.12 -14.66
C PHE A 168 17.83 21.28 -15.93
N GLU A 169 16.99 21.53 -16.95
CA GLU A 169 17.07 20.74 -18.16
C GLU A 169 18.42 20.94 -18.85
N GLN A 170 18.89 22.19 -18.93
CA GLN A 170 20.15 22.46 -19.61
C GLN A 170 21.32 21.87 -18.84
N ALA A 171 21.31 21.98 -17.51
CA ALA A 171 22.35 21.34 -16.70
C ALA A 171 22.36 19.84 -16.92
N MET A 172 21.18 19.22 -16.93
CA MET A 172 21.12 17.77 -17.13
C MET A 172 21.68 17.37 -18.49
N LYS A 173 21.28 18.08 -19.54
CA LYS A 173 21.79 17.79 -20.87
C LYS A 173 23.29 17.98 -20.94
N THR A 174 23.79 19.12 -20.46
CA THR A 174 25.20 19.44 -20.65
C THR A 174 26.10 18.60 -19.74
N ARG A 175 25.64 18.33 -18.51
CA ARG A 175 26.53 17.73 -17.53
C ARG A 175 26.36 16.23 -17.34
N VAL A 176 25.24 15.65 -17.80
CA VAL A 176 24.99 14.22 -17.61
C VAL A 176 24.69 13.55 -18.95
N PHE A 177 23.62 13.96 -19.64
CA PHE A 177 23.22 13.23 -20.84
C PHE A 177 24.33 13.27 -21.90
N GLN A 178 24.82 14.46 -22.23
CA GLN A 178 25.80 14.59 -23.30
C GLN A 178 27.12 13.89 -23.01
N PRO A 179 27.73 14.03 -21.82
CA PRO A 179 29.00 13.32 -21.58
C PRO A 179 28.85 11.80 -21.65
N LEU A 180 27.68 11.26 -21.29
CA LEU A 180 27.47 9.82 -21.32
C LEU A 180 26.87 9.35 -22.64
N LYS A 181 26.73 10.25 -23.62
CA LYS A 181 26.22 9.92 -24.95
C LYS A 181 24.82 9.33 -24.89
N LEU A 182 24.00 9.85 -23.96
CA LEU A 182 22.59 9.50 -23.90
C LEU A 182 21.87 10.42 -24.87
N ASN A 183 21.89 10.02 -26.15
CA ASN A 183 21.40 10.85 -27.25
C ASN A 183 19.91 10.70 -27.51
N HIS A 184 19.25 9.77 -26.82
CA HIS A 184 17.82 9.51 -26.95
C HIS A 184 17.16 9.46 -25.60
N THR A 185 17.59 10.36 -24.73
CA THR A 185 17.05 10.51 -23.40
C THR A 185 16.61 11.95 -23.26
N TRP A 186 15.36 12.15 -22.86
CA TRP A 186 14.75 13.47 -22.97
C TRP A 186 13.94 13.80 -21.74
N ILE A 187 14.06 15.05 -21.30
CA ILE A 187 13.08 15.62 -20.40
C ILE A 187 11.85 16.07 -21.18
N ASN A 188 12.07 16.67 -22.34
CA ASN A 188 11.00 17.02 -23.28
C ASN A 188 11.29 16.34 -24.61
N VAL A 189 10.37 15.47 -25.02
CA VAL A 189 10.54 14.72 -26.27
C VAL A 189 10.37 15.68 -27.45
N PRO A 190 11.38 15.80 -28.32
CA PRO A 190 11.23 16.69 -29.48
C PRO A 190 10.17 16.16 -30.43
N SER A 191 9.59 17.08 -31.21
CA SER A 191 8.53 16.71 -32.15
C SER A 191 8.97 15.57 -33.07
N ALA A 192 10.20 15.62 -33.55
CA ALA A 192 10.70 14.61 -34.48
C ALA A 192 10.86 13.23 -33.84
N GLU A 193 10.84 13.13 -32.51
CA GLU A 193 10.98 11.85 -31.84
C GLU A 193 9.66 11.29 -31.33
N GLU A 194 8.56 12.01 -31.53
CA GLU A 194 7.28 11.53 -31.05
C GLU A 194 6.90 10.18 -31.64
N LYS A 195 7.32 9.90 -32.88
CA LYS A 195 7.05 8.59 -33.48
C LYS A 195 7.66 7.44 -32.69
N ASN A 196 8.67 7.71 -31.87
CA ASN A 196 9.31 6.67 -31.07
C ASN A 196 8.78 6.61 -29.65
N TYR A 197 7.88 7.52 -29.27
CA TYR A 197 7.39 7.63 -27.90
C TYR A 197 6.23 6.66 -27.74
N ALA A 198 6.43 5.60 -26.98
CA ALA A 198 5.36 4.65 -26.73
C ALA A 198 4.20 5.34 -26.03
N TRP A 199 3.00 4.82 -26.24
CA TRP A 199 1.88 5.16 -25.39
C TRP A 199 1.94 4.30 -24.14
N GLY A 200 1.60 4.92 -23.00
CA GLY A 200 1.35 4.14 -21.80
C GLY A 200 -0.08 3.69 -21.78
N TYR A 201 -0.37 2.65 -21.01
CA TYR A 201 -1.73 2.10 -20.99
C TYR A 201 -2.21 1.96 -19.56
N ARG A 202 -3.31 2.64 -19.25
CA ARG A 202 -3.91 2.59 -17.93
C ARG A 202 -5.38 2.28 -18.11
N GLU A 203 -5.82 1.16 -17.54
CA GLU A 203 -7.20 0.69 -17.71
C GLU A 203 -7.59 0.64 -19.19
N GLY A 204 -6.64 0.20 -20.03
CA GLY A 204 -6.86 0.02 -21.44
C GLY A 204 -6.82 1.29 -22.28
N LYS A 205 -6.57 2.44 -21.66
CA LYS A 205 -6.55 3.72 -22.37
C LYS A 205 -5.12 4.19 -22.56
N ALA A 206 -4.83 4.72 -23.74
CA ALA A 206 -3.50 5.24 -24.05
C ALA A 206 -3.30 6.57 -23.37
N VAL A 207 -2.20 6.71 -22.60
CA VAL A 207 -1.94 7.92 -21.83
C VAL A 207 -0.45 8.27 -21.86
N HIS A 208 -0.17 9.56 -21.72
CA HIS A 208 1.17 10.06 -21.47
C HIS A 208 1.13 10.90 -20.21
N VAL A 209 2.29 10.99 -19.55
CA VAL A 209 2.39 11.78 -18.32
C VAL A 209 2.06 13.24 -18.59
N SER A 210 1.31 13.85 -17.66
CA SER A 210 0.93 15.25 -17.76
C SER A 210 2.00 16.15 -17.15
N PRO A 211 2.14 17.38 -17.63
CA PRO A 211 3.08 18.31 -17.01
C PRO A 211 2.73 18.58 -15.55
N GLY A 212 3.77 18.76 -14.74
CA GLY A 212 3.58 19.15 -13.34
C GLY A 212 4.81 19.86 -12.84
N ALA A 213 4.63 20.65 -11.79
CA ALA A 213 5.77 21.35 -11.23
C ALA A 213 6.81 20.36 -10.73
N LEU A 214 8.08 20.63 -11.05
CA LEU A 214 9.22 19.80 -10.67
C LEU A 214 9.16 18.42 -11.32
N ASP A 215 8.40 18.29 -12.41
CA ASP A 215 8.32 16.99 -13.07
C ASP A 215 9.67 16.54 -13.60
N ALA A 216 10.43 17.45 -14.22
CA ALA A 216 11.72 17.04 -14.80
C ALA A 216 12.62 16.42 -13.74
N GLU A 217 12.61 16.98 -12.54
CA GLU A 217 13.49 16.57 -11.46
C GLU A 217 13.05 15.26 -10.82
N ALA A 218 11.75 15.00 -10.78
CA ALA A 218 11.24 13.91 -9.99
C ALA A 218 10.74 12.72 -10.80
N TYR A 219 10.23 12.92 -12.02
CA TYR A 219 9.62 11.78 -12.70
C TYR A 219 9.49 11.96 -14.21
N GLY A 220 10.15 12.94 -14.79
CA GLY A 220 9.82 13.36 -16.15
C GLY A 220 10.72 12.91 -17.28
N VAL A 221 11.72 12.06 -17.04
CA VAL A 221 12.62 11.64 -18.11
C VAL A 221 12.02 10.50 -18.92
N LYS A 222 12.23 10.55 -20.23
CA LYS A 222 11.87 9.47 -21.15
C LYS A 222 13.14 8.97 -21.82
N SER A 223 13.28 7.65 -21.99
CA SER A 223 14.52 7.13 -22.55
C SER A 223 14.27 5.79 -23.24
N THR A 224 15.27 5.34 -24.01
CA THR A 224 15.22 4.06 -24.69
C THR A 224 15.94 3.00 -23.87
N ILE A 225 15.74 1.74 -24.26
CA ILE A 225 16.40 0.65 -23.56
C ILE A 225 17.91 0.72 -23.76
N GLU A 226 18.36 1.22 -24.90
CA GLU A 226 19.79 1.35 -25.15
C GLU A 226 20.42 2.43 -24.26
N ASP A 227 19.80 3.60 -24.20
CA ASP A 227 20.36 4.64 -23.34
C ASP A 227 20.32 4.22 -21.87
N MET A 228 19.27 3.51 -21.46
CA MET A 228 19.18 3.08 -20.07
C MET A 228 20.23 2.03 -19.74
N ALA A 229 20.54 1.14 -20.70
CA ALA A 229 21.65 0.21 -20.48
C ALA A 229 22.97 0.96 -20.31
N ARG A 230 23.18 2.03 -21.09
CA ARG A 230 24.38 2.84 -20.95
C ARG A 230 24.40 3.57 -19.60
N TRP A 231 23.24 4.02 -19.15
CA TRP A 231 23.14 4.64 -17.83
C TRP A 231 23.54 3.64 -16.75
N VAL A 232 23.06 2.40 -16.84
CA VAL A 232 23.48 1.38 -15.88
C VAL A 232 24.98 1.13 -15.95
N GLN A 233 25.53 0.99 -17.16
N GLN A 233 25.54 1.02 -17.15
N GLN A 233 25.55 1.01 -17.15
CA GLN A 233 26.96 0.80 -17.30
CA GLN A 233 26.97 0.78 -17.25
CA GLN A 233 26.99 0.76 -17.20
C GLN A 233 27.73 1.91 -16.62
C GLN A 233 27.78 1.92 -16.65
C GLN A 233 27.80 1.92 -16.68
N SER A 234 27.31 3.16 -16.81
CA SER A 234 28.01 4.30 -16.25
C SER A 234 27.98 4.27 -14.73
N ASN A 235 26.86 3.88 -14.14
CA ASN A 235 26.75 3.82 -12.67
C ASN A 235 27.42 2.57 -12.10
N LEU A 236 27.57 1.50 -12.91
CA LEU A 236 28.30 0.31 -12.50
C LEU A 236 29.80 0.58 -12.45
N LYS A 237 30.31 1.35 -13.40
CA LYS A 237 31.76 1.50 -13.60
C LYS A 237 32.10 2.97 -13.84
N PRO A 238 31.98 3.81 -12.82
CA PRO A 238 32.27 5.25 -13.01
C PRO A 238 33.72 5.56 -13.34
N LEU A 239 34.66 4.66 -13.02
CA LEU A 239 36.07 4.95 -13.30
C LEU A 239 36.36 5.03 -14.79
N ASP A 240 35.46 4.54 -15.64
CA ASP A 240 35.60 4.67 -17.09
C ASP A 240 35.11 6.01 -17.61
N ILE A 241 34.49 6.83 -16.76
CA ILE A 241 33.98 8.13 -17.17
C ILE A 241 35.12 9.13 -17.14
N ASN A 242 35.31 9.86 -18.25
CA ASN A 242 36.45 10.76 -18.37
C ASN A 242 36.23 12.07 -17.63
N GLU A 243 34.99 12.57 -17.61
CA GLU A 243 34.69 13.84 -16.95
C GLU A 243 34.73 13.62 -15.44
N LYS A 244 35.74 14.22 -14.79
CA LYS A 244 36.05 13.87 -13.41
C LYS A 244 34.90 14.18 -12.47
N THR A 245 34.25 15.34 -12.63
CA THR A 245 33.18 15.66 -11.67
C THR A 245 31.97 14.77 -11.85
N LEU A 246 31.73 14.29 -13.07
CA LEU A 246 30.62 13.37 -13.28
C LEU A 246 30.94 11.99 -12.71
N GLN A 247 32.17 11.53 -12.90
CA GLN A 247 32.63 10.31 -12.24
C GLN A 247 32.40 10.39 -10.74
N GLN A 248 32.83 11.50 -10.14
CA GLN A 248 32.68 11.69 -8.70
C GLN A 248 31.21 11.82 -8.32
N GLY A 249 30.41 12.50 -9.13
CA GLY A 249 28.99 12.61 -8.83
C GLY A 249 28.26 11.27 -8.86
N ILE A 250 28.64 10.41 -9.79
CA ILE A 250 28.10 9.05 -9.80
C ILE A 250 28.45 8.33 -8.52
N GLN A 251 29.71 8.46 -8.08
CA GLN A 251 30.09 7.83 -6.83
C GLN A 251 29.32 8.39 -5.65
N LEU A 252 29.19 9.72 -5.58
CA LEU A 252 28.48 10.34 -4.46
C LEU A 252 27.01 9.93 -4.41
N ALA A 253 26.40 9.64 -5.55
CA ALA A 253 25.00 9.26 -5.54
C ALA A 253 24.78 7.85 -4.99
N GLN A 254 25.84 7.04 -4.96
CA GLN A 254 25.81 5.73 -4.30
C GLN A 254 26.43 5.74 -2.91
N SER A 255 26.83 6.90 -2.38
CA SER A 255 27.19 6.96 -0.97
C SER A 255 25.95 6.69 -0.12
N ARG A 256 26.17 6.18 1.09
CA ARG A 256 25.06 5.83 1.98
C ARG A 256 24.89 6.92 3.02
N TYR A 257 23.81 7.67 2.92
CA TYR A 257 23.56 8.84 3.77
C TYR A 257 22.69 8.52 4.96
N TRP A 258 21.79 7.56 4.84
CA TRP A 258 20.84 7.18 5.88
C TRP A 258 20.62 5.69 5.77
N GLN A 259 20.28 5.08 6.90
CA GLN A 259 19.86 3.68 6.93
C GLN A 259 18.46 3.61 7.51
N THR A 260 17.61 2.79 6.91
CA THR A 260 16.37 2.40 7.56
C THR A 260 16.16 0.93 7.30
N GLY A 261 16.03 0.15 8.37
CA GLY A 261 16.05 -1.29 8.20
C GLY A 261 17.35 -1.70 7.54
N ASP A 262 17.24 -2.46 6.45
CA ASP A 262 18.41 -2.93 5.71
C ASP A 262 18.66 -2.12 4.45
N MET A 263 17.95 -1.02 4.25
N MET A 263 17.99 -0.99 4.32
CA MET A 263 18.18 -0.22 3.05
CA MET A 263 18.11 -0.16 3.13
C MET A 263 18.90 1.08 3.39
C MET A 263 18.92 1.09 3.42
N TYR A 264 19.67 1.55 2.42
CA TYR A 264 20.44 2.77 2.52
C TYR A 264 20.00 3.74 1.45
N GLN A 265 19.85 5.00 1.82
CA GLN A 265 19.45 6.03 0.88
C GLN A 265 20.68 6.72 0.30
N GLY A 266 20.79 6.70 -1.02
CA GLY A 266 21.75 7.47 -1.78
C GLY A 266 21.13 8.76 -2.28
N LEU A 267 21.69 9.29 -3.36
CA LEU A 267 21.08 10.42 -4.09
C LEU A 267 20.33 9.81 -5.27
N GLY A 268 19.02 9.68 -5.11
CA GLY A 268 18.22 9.01 -6.13
C GLY A 268 18.26 7.49 -5.99
N TRP A 269 19.45 6.91 -6.14
CA TRP A 269 19.62 5.48 -5.92
C TRP A 269 19.34 5.08 -4.48
N GLU A 270 18.86 3.85 -4.30
CA GLU A 270 18.79 3.18 -3.02
C GLU A 270 19.63 1.92 -3.08
N MET A 271 20.15 1.49 -1.94
CA MET A 271 21.13 0.43 -1.90
C MET A 271 20.87 -0.51 -0.74
N LEU A 272 21.20 -1.78 -0.95
CA LEU A 272 21.29 -2.75 0.14
C LEU A 272 22.59 -3.52 -0.06
N ASP A 273 23.11 -4.08 1.03
CA ASP A 273 24.29 -4.92 0.91
C ASP A 273 23.95 -6.20 0.15
N TRP A 274 24.85 -6.60 -0.75
CA TRP A 274 24.70 -7.84 -1.50
C TRP A 274 25.55 -8.92 -0.86
N PRO A 275 25.03 -10.15 -0.72
CA PRO A 275 23.73 -10.64 -1.21
C PRO A 275 22.55 -10.13 -0.38
N VAL A 276 21.44 -9.91 -1.07
CA VAL A 276 20.23 -9.42 -0.45
C VAL A 276 19.32 -10.58 -0.07
N ASN A 277 18.42 -10.30 0.87
CA ASN A 277 17.27 -11.15 1.10
C ASN A 277 16.23 -10.76 0.06
N PRO A 278 15.91 -11.63 -0.90
CA PRO A 278 14.96 -11.23 -1.95
C PRO A 278 13.60 -10.83 -1.40
N ASP A 279 13.13 -11.48 -0.34
CA ASP A 279 11.85 -11.09 0.24
C ASP A 279 11.87 -9.66 0.75
N ILE A 280 13.01 -9.22 1.31
CA ILE A 280 13.11 -7.85 1.80
C ILE A 280 12.98 -6.84 0.66
N ILE A 281 13.69 -7.06 -0.45
CA ILE A 281 13.57 -6.10 -1.56
C ILE A 281 12.23 -6.22 -2.27
N ILE A 282 11.70 -7.44 -2.42
CA ILE A 282 10.40 -7.59 -3.09
C ILE A 282 9.29 -6.94 -2.26
N ASN A 283 9.19 -7.31 -0.99
CA ASN A 283 8.12 -6.77 -0.17
C ASN A 283 8.33 -5.28 0.12
N GLY A 284 9.58 -4.84 0.26
CA GLY A 284 9.87 -3.45 0.54
C GLY A 284 9.55 -2.54 -0.62
N SER A 285 9.45 -3.09 -1.84
CA SER A 285 9.11 -2.27 -2.99
C SER A 285 7.62 -2.04 -3.12
N ASP A 286 6.79 -2.80 -2.41
CA ASP A 286 5.37 -2.53 -2.42
C ASP A 286 5.13 -1.14 -1.85
N ASN A 287 4.26 -0.37 -2.51
CA ASN A 287 3.99 1.00 -2.05
C ASN A 287 3.51 1.08 -0.59
N LYS A 288 2.93 0.01 -0.05
CA LYS A 288 2.56 0.02 1.37
C LYS A 288 3.75 0.30 2.26
N ILE A 289 4.93 -0.15 1.86
CA ILE A 289 6.16 0.13 2.60
C ILE A 289 6.94 1.28 1.97
N ALA A 290 7.08 1.26 0.64
CA ALA A 290 7.95 2.21 -0.04
C ALA A 290 7.47 3.63 0.11
N LEU A 291 6.17 3.86 0.26
CA LEU A 291 5.65 5.21 0.43
C LEU A 291 5.40 5.58 1.89
N ALA A 292 5.62 4.67 2.82
CA ALA A 292 5.37 4.95 4.24
C ALA A 292 6.51 5.76 4.83
N ALA A 293 6.20 6.55 5.87
CA ALA A 293 7.26 7.20 6.64
C ALA A 293 8.03 6.15 7.41
N ARG A 294 9.36 6.22 7.36
CA ARG A 294 10.15 5.26 8.12
C ARG A 294 11.27 5.99 8.85
N PRO A 295 11.56 5.59 10.08
CA PRO A 295 12.63 6.25 10.84
C PRO A 295 13.99 5.96 10.23
N VAL A 296 14.84 6.97 10.21
CA VAL A 296 16.18 6.84 9.63
C VAL A 296 17.23 7.01 10.71
N LYS A 297 18.37 6.39 10.47
CA LYS A 297 19.59 6.59 11.23
C LYS A 297 20.61 7.28 10.35
N PRO A 298 21.24 8.34 10.83
CA PRO A 298 22.24 9.04 10.02
C PRO A 298 23.52 8.21 9.90
N ILE A 299 24.20 8.38 8.78
CA ILE A 299 25.52 7.79 8.57
C ILE A 299 26.49 8.95 8.41
N THR A 300 27.34 9.15 9.42
CA THR A 300 28.21 10.32 9.49
C THR A 300 29.65 9.87 9.69
N PRO A 301 30.53 10.03 8.69
CA PRO A 301 30.24 10.55 7.35
C PRO A 301 29.51 9.50 6.52
N PRO A 302 28.89 9.92 5.41
CA PRO A 302 28.24 8.93 4.54
C PRO A 302 29.22 7.86 4.12
N THR A 303 28.76 6.61 4.05
CA THR A 303 29.64 5.52 3.62
C THR A 303 29.98 5.72 2.15
N PRO A 304 31.25 5.71 1.76
CA PRO A 304 31.57 5.75 0.32
C PRO A 304 30.96 4.53 -0.35
N ALA A 305 30.62 4.70 -1.63
CA ALA A 305 29.88 3.69 -2.37
C ALA A 305 30.49 2.31 -2.19
N VAL A 306 29.64 1.34 -1.85
CA VAL A 306 30.04 -0.03 -1.57
C VAL A 306 29.82 -0.87 -2.82
N ARG A 307 30.89 -1.51 -3.31
CA ARG A 307 30.77 -2.26 -4.55
C ARG A 307 29.83 -3.45 -4.42
N ALA A 308 29.86 -4.14 -3.29
CA ALA A 308 28.99 -5.30 -3.06
C ALA A 308 27.63 -4.84 -2.57
N SER A 309 26.92 -4.15 -3.46
CA SER A 309 25.59 -3.62 -3.18
C SER A 309 24.64 -4.02 -4.29
N TRP A 310 23.39 -4.22 -3.90
CA TRP A 310 22.26 -4.18 -4.81
C TRP A 310 21.80 -2.72 -4.85
N VAL A 311 21.94 -2.08 -6.01
CA VAL A 311 21.62 -0.67 -6.20
C VAL A 311 20.42 -0.62 -7.14
N HIS A 312 19.37 0.10 -6.75
CA HIS A 312 18.14 -0.01 -7.54
C HIS A 312 17.24 1.21 -7.41
N LYS A 313 16.25 1.27 -8.32
CA LYS A 313 15.21 2.28 -8.27
C LYS A 313 14.05 1.81 -9.14
N THR A 314 12.84 1.84 -8.58
N THR A 314 12.85 1.95 -8.60
CA THR A 314 11.60 1.70 -9.35
CA THR A 314 11.64 1.72 -9.37
C THR A 314 11.11 3.07 -9.82
C THR A 314 10.99 3.04 -9.74
N GLY A 315 10.25 3.04 -10.84
CA GLY A 315 9.60 4.26 -11.29
C GLY A 315 8.28 3.96 -11.96
N ALA A 316 7.32 4.87 -11.82
CA ALA A 316 6.06 4.70 -12.53
C ALA A 316 5.50 6.05 -12.92
N THR A 317 4.67 6.02 -13.97
CA THR A 317 3.72 7.09 -14.25
C THR A 317 2.38 6.39 -14.39
N GLY A 318 1.35 7.14 -14.78
CA GLY A 318 0.04 6.54 -14.93
C GLY A 318 0.03 5.37 -15.89
N GLY A 319 0.84 5.44 -16.95
CA GLY A 319 0.82 4.42 -17.99
C GLY A 319 2.07 3.57 -18.12
N PHE A 320 3.08 3.76 -17.25
CA PHE A 320 4.36 3.09 -17.43
C PHE A 320 4.89 2.58 -16.11
N GLY A 321 5.68 1.51 -16.17
CA GLY A 321 6.38 0.98 -15.00
C GLY A 321 7.78 0.59 -15.38
N SER A 322 8.77 1.10 -14.64
N SER A 322 8.75 1.08 -14.62
CA SER A 322 10.18 0.91 -14.95
CA SER A 322 10.16 0.88 -14.91
C SER A 322 10.94 0.45 -13.71
C SER A 322 10.87 0.32 -13.69
N TYR A 323 12.03 -0.29 -13.93
CA TYR A 323 12.86 -0.74 -12.83
C TYR A 323 14.29 -0.89 -13.32
N VAL A 324 15.24 -0.47 -12.48
CA VAL A 324 16.66 -0.61 -12.74
C VAL A 324 17.32 -1.20 -11.50
N ALA A 325 18.18 -2.19 -11.68
CA ALA A 325 18.96 -2.70 -10.55
C ALA A 325 20.33 -3.17 -11.04
N PHE A 326 21.35 -2.99 -10.21
CA PHE A 326 22.68 -3.42 -10.62
C PHE A 326 23.53 -3.74 -9.40
N ILE A 327 24.59 -4.52 -9.63
CA ILE A 327 25.50 -4.97 -8.58
C ILE A 327 26.91 -4.65 -9.05
N PRO A 328 27.52 -3.56 -8.59
CA PRO A 328 28.83 -3.16 -9.13
C PRO A 328 29.89 -4.24 -9.03
N GLU A 329 29.97 -4.94 -7.90
CA GLU A 329 30.98 -5.99 -7.72
C GLU A 329 30.90 -7.05 -8.81
N LYS A 330 29.70 -7.33 -9.31
CA LYS A 330 29.49 -8.38 -10.29
C LYS A 330 29.43 -7.88 -11.73
N GLU A 331 29.55 -6.57 -11.95
CA GLU A 331 29.46 -5.97 -13.29
C GLU A 331 28.16 -6.38 -13.97
N LEU A 332 27.09 -6.43 -13.16
CA LEU A 332 25.82 -7.03 -13.57
C LEU A 332 24.70 -6.04 -13.33
N GLY A 333 23.79 -5.90 -14.30
CA GLY A 333 22.65 -5.04 -14.09
C GLY A 333 21.50 -5.39 -15.02
N ILE A 334 20.34 -4.79 -14.73
CA ILE A 334 19.15 -5.00 -15.53
C ILE A 334 18.34 -3.71 -15.58
N VAL A 335 17.72 -3.47 -16.74
CA VAL A 335 16.70 -2.43 -16.92
C VAL A 335 15.45 -3.11 -17.46
N MET A 336 14.30 -2.79 -16.87
CA MET A 336 13.01 -3.31 -17.33
C MET A 336 12.11 -2.12 -17.57
N LEU A 337 11.69 -1.89 -18.81
CA LEU A 337 10.80 -0.78 -19.16
C LEU A 337 9.52 -1.34 -19.73
N ALA A 338 8.37 -0.88 -19.22
CA ALA A 338 7.08 -1.38 -19.69
C ALA A 338 6.08 -0.23 -19.81
N ASN A 339 5.19 -0.34 -20.80
CA ASN A 339 4.13 0.65 -20.97
C ASN A 339 2.83 0.23 -20.30
N LYS A 340 2.96 -0.32 -19.10
CA LYS A 340 1.88 -0.41 -18.12
C LYS A 340 2.51 -0.28 -16.75
N ASN A 341 1.81 0.41 -15.84
CA ASN A 341 2.25 0.51 -14.45
C ASN A 341 1.73 -0.72 -13.72
N TYR A 342 2.57 -1.75 -13.62
CA TYR A 342 2.25 -3.01 -12.96
C TYR A 342 3.00 -3.07 -11.63
N PRO A 343 2.55 -3.90 -10.68
CA PRO A 343 3.04 -3.76 -9.29
C PRO A 343 4.54 -3.88 -9.13
N ASN A 344 5.10 -2.98 -8.33
CA ASN A 344 6.53 -2.99 -8.03
C ASN A 344 7.05 -4.36 -7.62
N PRO A 345 6.42 -5.11 -6.74
CA PRO A 345 7.04 -6.37 -6.29
C PRO A 345 7.25 -7.35 -7.42
N ALA A 346 6.38 -7.33 -8.44
CA ALA A 346 6.57 -8.21 -9.58
C ALA A 346 7.79 -7.81 -10.39
N ARG A 347 8.08 -6.51 -10.47
CA ARG A 347 9.29 -6.06 -11.16
C ARG A 347 10.53 -6.55 -10.43
N VAL A 348 10.57 -6.33 -9.11
CA VAL A 348 11.75 -6.67 -8.32
C VAL A 348 11.98 -8.17 -8.31
N ALA A 349 10.89 -8.95 -8.16
CA ALA A 349 11.05 -10.40 -8.12
C ALA A 349 11.63 -10.91 -9.44
N ALA A 350 11.16 -10.37 -10.56
CA ALA A 350 11.69 -10.80 -11.84
C ALA A 350 13.16 -10.40 -12.01
N ALA A 351 13.50 -9.16 -11.64
CA ALA A 351 14.88 -8.71 -11.76
C ALA A 351 15.81 -9.54 -10.89
N TRP A 352 15.40 -9.82 -9.65
CA TRP A 352 16.27 -10.64 -8.79
C TRP A 352 16.44 -12.05 -9.32
N GLN A 353 15.37 -12.65 -9.85
CA GLN A 353 15.48 -13.99 -10.43
C GLN A 353 16.48 -14.01 -11.58
N ILE A 354 16.48 -12.97 -12.42
CA ILE A 354 17.42 -12.92 -13.53
C ILE A 354 18.85 -12.67 -13.03
N LEU A 355 19.05 -11.65 -12.21
CA LEU A 355 20.42 -11.33 -11.80
C LEU A 355 20.99 -12.42 -10.92
N ASN A 356 20.17 -13.01 -10.04
CA ASN A 356 20.69 -14.07 -9.17
C ASN A 356 21.12 -15.29 -9.98
N ALA A 357 20.47 -15.56 -11.10
CA ALA A 357 20.85 -16.69 -11.96
C ALA A 357 22.13 -16.43 -12.73
N LEU A 358 22.50 -15.16 -12.91
CA LEU A 358 23.65 -14.79 -13.70
C LEU A 358 24.86 -14.41 -12.86
N GLN A 359 24.73 -14.38 -11.55
CA GLN A 359 25.79 -13.90 -10.67
C GLN A 359 26.99 -14.84 -10.72
N ALA B 1 -42.70 -7.06 6.70
CA ALA B 1 -42.88 -6.14 5.59
C ALA B 1 -42.42 -4.72 5.94
N ALA B 2 -41.49 -4.19 5.15
CA ALA B 2 -40.93 -2.88 5.43
C ALA B 2 -41.88 -1.77 4.99
N PRO B 3 -41.76 -0.58 5.58
CA PRO B 3 -42.48 0.56 5.04
C PRO B 3 -42.06 0.81 3.60
N GLN B 4 -42.96 1.40 2.82
CA GLN B 4 -42.70 1.63 1.40
C GLN B 4 -41.42 2.42 1.18
N GLN B 5 -41.08 3.35 2.07
CA GLN B 5 -39.89 4.17 1.86
C GLN B 5 -38.64 3.31 1.86
N ILE B 6 -38.61 2.27 2.70
CA ILE B 6 -37.48 1.34 2.70
C ILE B 6 -37.48 0.50 1.44
N ASN B 7 -38.62 -0.11 1.10
CA ASN B 7 -38.70 -0.92 -0.11
C ASN B 7 -38.25 -0.13 -1.33
N ASP B 8 -38.72 1.12 -1.45
CA ASP B 8 -38.42 1.92 -2.63
C ASP B 8 -36.94 2.22 -2.75
N ILE B 9 -36.32 2.71 -1.67
CA ILE B 9 -34.91 3.05 -1.75
C ILE B 9 -34.04 1.81 -1.91
N VAL B 10 -34.41 0.69 -1.28
CA VAL B 10 -33.64 -0.55 -1.45
C VAL B 10 -33.73 -1.05 -2.88
N HIS B 11 -34.94 -1.08 -3.45
CA HIS B 11 -35.10 -1.52 -4.82
C HIS B 11 -34.36 -0.60 -5.78
N ARG B 12 -34.52 0.72 -5.61
CA ARG B 12 -33.90 1.66 -6.52
C ARG B 12 -32.39 1.69 -6.41
N THR B 13 -31.83 1.30 -5.27
CA THR B 13 -30.38 1.31 -5.06
C THR B 13 -29.74 -0.03 -5.41
N ILE B 14 -30.32 -1.13 -4.92
CA ILE B 14 -29.63 -2.41 -5.01
C ILE B 14 -29.81 -3.05 -6.39
N THR B 15 -31.00 -2.89 -6.99
CA THR B 15 -31.21 -3.50 -8.30
C THR B 15 -30.22 -3.02 -9.34
N PRO B 16 -29.95 -1.72 -9.51
CA PRO B 16 -28.90 -1.33 -10.46
C PRO B 16 -27.51 -1.76 -10.04
N LEU B 17 -27.22 -1.78 -8.74
CA LEU B 17 -25.92 -2.27 -8.27
C LEU B 17 -25.69 -3.71 -8.71
N ILE B 18 -26.68 -4.57 -8.51
CA ILE B 18 -26.56 -5.97 -8.90
C ILE B 18 -26.35 -6.11 -10.40
N GLU B 19 -27.08 -5.34 -11.20
CA GLU B 19 -26.93 -5.41 -12.65
C GLU B 19 -25.56 -4.87 -13.08
N GLN B 20 -25.12 -3.74 -12.51
CA GLN B 20 -23.85 -3.16 -12.90
C GLN B 20 -22.68 -4.06 -12.53
N GLN B 21 -22.73 -4.68 -11.34
CA GLN B 21 -21.62 -5.49 -10.85
C GLN B 21 -21.75 -6.97 -11.18
N LYS B 22 -22.85 -7.37 -11.83
CA LYS B 22 -23.10 -8.78 -12.17
C LYS B 22 -23.01 -9.68 -10.94
N ILE B 23 -23.68 -9.25 -9.87
CA ILE B 23 -23.69 -10.02 -8.61
C ILE B 23 -24.65 -11.18 -8.72
N PRO B 24 -24.20 -12.43 -8.51
CA PRO B 24 -25.13 -13.57 -8.71
C PRO B 24 -26.18 -13.66 -7.63
N GLY B 25 -25.88 -13.23 -6.41
CA GLY B 25 -26.79 -13.39 -5.31
C GLY B 25 -26.48 -12.41 -4.21
N MET B 26 -27.50 -11.90 -3.54
CA MET B 26 -27.30 -10.83 -2.57
C MET B 26 -28.38 -10.88 -1.50
N ALA B 27 -27.99 -10.62 -0.26
CA ALA B 27 -28.95 -10.41 0.81
C ALA B 27 -28.67 -9.08 1.47
N VAL B 28 -29.73 -8.35 1.80
CA VAL B 28 -29.62 -7.06 2.47
C VAL B 28 -30.57 -7.03 3.68
N ALA B 29 -30.08 -6.53 4.80
CA ALA B 29 -30.94 -6.24 5.94
C ALA B 29 -30.85 -4.74 6.19
N VAL B 30 -32.00 -4.10 6.33
CA VAL B 30 -32.06 -2.72 6.78
C VAL B 30 -32.62 -2.75 8.19
N ILE B 31 -31.88 -2.18 9.13
CA ILE B 31 -32.33 -2.02 10.49
C ILE B 31 -32.86 -0.61 10.60
N TYR B 32 -34.16 -0.48 10.86
CA TYR B 32 -34.83 0.81 10.86
C TYR B 32 -35.65 0.88 12.14
N GLN B 33 -35.42 1.94 12.92
CA GLN B 33 -36.00 2.05 14.26
C GLN B 33 -35.75 0.78 15.08
N GLY B 34 -34.61 0.15 14.87
CA GLY B 34 -34.22 -1.01 15.63
C GLY B 34 -34.76 -2.35 15.18
N LYS B 35 -35.64 -2.37 14.15
CA LYS B 35 -36.21 -3.62 13.65
C LYS B 35 -35.61 -3.98 12.30
N PRO B 36 -35.41 -5.26 12.01
CA PRO B 36 -34.81 -5.65 10.73
C PRO B 36 -35.84 -5.90 9.64
N TYR B 37 -35.44 -5.57 8.42
CA TYR B 37 -36.21 -5.85 7.20
C TYR B 37 -35.27 -6.47 6.18
N TYR B 38 -35.69 -7.58 5.59
CA TYR B 38 -34.82 -8.42 4.78
C TYR B 38 -35.19 -8.36 3.31
N PHE B 39 -34.17 -8.41 2.46
CA PHE B 39 -34.31 -8.39 1.02
C PHE B 39 -33.30 -9.37 0.43
N THR B 40 -33.74 -10.13 -0.58
CA THR B 40 -32.88 -11.13 -1.19
C THR B 40 -33.03 -11.07 -2.70
N TRP B 41 -31.93 -11.35 -3.41
CA TRP B 41 -31.93 -11.39 -4.86
C TRP B 41 -31.06 -12.55 -5.32
N GLY B 42 -31.43 -13.13 -6.46
CA GLY B 42 -30.50 -14.03 -7.12
C GLY B 42 -30.29 -15.34 -6.39
N TYR B 43 -29.11 -15.92 -6.60
CA TYR B 43 -28.87 -17.31 -6.31
C TYR B 43 -27.68 -17.49 -5.39
N ALA B 44 -27.87 -18.33 -4.37
CA ALA B 44 -26.77 -18.85 -3.57
C ALA B 44 -25.91 -19.82 -4.36
N ASP B 45 -26.51 -20.55 -5.30
CA ASP B 45 -25.80 -21.49 -6.18
C ASP B 45 -26.34 -21.27 -7.58
N ILE B 46 -25.51 -20.70 -8.45
CA ILE B 46 -25.92 -20.37 -9.82
C ILE B 46 -26.35 -21.62 -10.56
N ALA B 47 -25.53 -22.66 -10.54
CA ALA B 47 -25.76 -23.83 -11.38
C ALA B 47 -27.01 -24.59 -10.93
N LYS B 48 -27.21 -24.72 -9.62
CA LYS B 48 -28.39 -25.37 -9.08
C LYS B 48 -29.62 -24.48 -9.08
N LYS B 49 -29.46 -23.21 -9.42
CA LYS B 49 -30.53 -22.20 -9.32
C LYS B 49 -31.18 -22.23 -7.94
N GLN B 50 -30.35 -22.32 -6.90
CA GLN B 50 -30.82 -22.27 -5.53
C GLN B 50 -30.87 -20.81 -5.09
N PRO B 51 -32.03 -20.26 -4.75
CA PRO B 51 -32.13 -18.84 -4.45
C PRO B 51 -31.44 -18.49 -3.14
N VAL B 52 -30.95 -17.24 -3.09
CA VAL B 52 -30.56 -16.66 -1.81
C VAL B 52 -31.80 -16.57 -0.93
N THR B 53 -31.68 -17.04 0.31
CA THR B 53 -32.75 -16.92 1.28
C THR B 53 -32.21 -16.27 2.54
N GLN B 54 -33.09 -16.06 3.52
CA GLN B 54 -32.67 -15.52 4.80
C GLN B 54 -31.84 -16.51 5.60
N GLN B 55 -31.72 -17.75 5.15
CA GLN B 55 -30.89 -18.76 5.78
C GLN B 55 -29.58 -19.03 5.03
N THR B 56 -29.35 -18.33 3.91
CA THR B 56 -28.11 -18.53 3.17
C THR B 56 -26.92 -18.03 3.97
N LEU B 57 -25.87 -18.84 4.02
CA LEU B 57 -24.61 -18.45 4.64
C LEU B 57 -23.69 -17.80 3.60
N PHE B 58 -23.15 -16.63 3.95
CA PHE B 58 -22.18 -15.91 3.15
C PHE B 58 -20.86 -15.84 3.92
N GLU B 59 -19.75 -15.82 3.19
CA GLU B 59 -18.46 -15.53 3.81
C GLU B 59 -18.35 -14.04 4.11
N LEU B 60 -18.08 -13.71 5.36
CA LEU B 60 -17.98 -12.30 5.77
C LEU B 60 -16.62 -11.69 5.47
N GLY B 61 -15.60 -12.50 5.18
CA GLY B 61 -14.29 -11.91 5.00
C GLY B 61 -13.92 -11.06 6.20
N SER B 62 -13.37 -9.89 5.94
CA SER B 62 -12.85 -9.07 7.02
C SER B 62 -13.92 -8.46 7.92
N VAL B 63 -15.21 -8.57 7.59
CA VAL B 63 -16.24 -8.22 8.58
C VAL B 63 -16.09 -9.10 9.82
N SER B 64 -15.45 -10.27 9.68
CA SER B 64 -15.11 -11.11 10.83
C SER B 64 -14.33 -10.37 11.88
N LYS B 65 -13.54 -9.35 11.47
CA LYS B 65 -12.72 -8.61 12.43
C LYS B 65 -13.57 -7.90 13.48
N THR B 66 -14.83 -7.58 13.17
CA THR B 66 -15.70 -6.96 14.17
C THR B 66 -16.02 -7.95 15.29
N PHE B 67 -16.17 -9.24 14.96
CA PHE B 67 -16.35 -10.25 15.98
C PHE B 67 -15.09 -10.42 16.82
N THR B 68 -13.91 -10.44 16.16
CA THR B 68 -12.65 -10.54 16.88
C THR B 68 -12.45 -9.36 17.80
N GLY B 69 -12.76 -8.15 17.34
CA GLY B 69 -12.64 -6.97 18.19
C GLY B 69 -13.53 -7.04 19.41
N VAL B 70 -14.77 -7.50 19.24
CA VAL B 70 -15.71 -7.62 20.36
C VAL B 70 -15.29 -8.73 21.31
N LEU B 71 -14.80 -9.85 20.78
CA LEU B 71 -14.30 -10.93 21.65
C LEU B 71 -13.11 -10.45 22.47
N GLY B 72 -12.23 -9.66 21.86
CA GLY B 72 -11.13 -9.09 22.60
C GLY B 72 -11.62 -8.10 23.65
N GLY B 73 -12.61 -7.28 23.30
CA GLY B 73 -13.20 -6.37 24.27
C GLY B 73 -13.81 -7.13 25.43
N ASP B 74 -14.45 -8.27 25.14
CA ASP B 74 -15.02 -9.09 26.20
C ASP B 74 -13.92 -9.64 27.12
N ALA B 75 -12.78 -10.01 26.55
CA ALA B 75 -11.66 -10.49 27.37
C ALA B 75 -11.10 -9.39 28.24
N ILE B 76 -11.03 -8.16 27.73
CA ILE B 76 -10.64 -7.02 28.55
C ILE B 76 -11.61 -6.85 29.72
N ALA B 77 -12.91 -6.88 29.42
CA ALA B 77 -13.91 -6.68 30.46
C ALA B 77 -13.92 -7.82 31.47
N ARG B 78 -13.48 -9.00 31.05
CA ARG B 78 -13.34 -10.13 31.96
C ARG B 78 -12.10 -10.02 32.85
N GLY B 79 -11.24 -9.03 32.60
CA GLY B 79 -9.98 -8.90 33.31
C GLY B 79 -8.91 -9.87 32.88
N GLU B 80 -9.07 -10.49 31.72
CA GLU B 80 -8.13 -11.51 31.26
C GLU B 80 -6.95 -10.91 30.53
N ILE B 81 -7.15 -9.79 29.84
CA ILE B 81 -6.08 -9.10 29.13
C ILE B 81 -6.27 -7.60 29.34
N LYS B 82 -5.21 -6.85 29.05
CA LYS B 82 -5.30 -5.41 28.90
C LYS B 82 -4.65 -5.03 27.58
N LEU B 83 -5.15 -3.96 26.96
CA LEU B 83 -4.59 -3.55 25.67
C LEU B 83 -3.15 -3.07 25.80
N SER B 84 -2.72 -2.66 26.99
CA SER B 84 -1.34 -2.27 27.21
C SER B 84 -0.41 -3.45 27.45
N ASP B 85 -0.92 -4.68 27.55
CA ASP B 85 -0.05 -5.82 27.77
C ASP B 85 0.91 -5.98 26.60
N PRO B 86 2.18 -6.29 26.85
CA PRO B 86 3.09 -6.62 25.75
C PRO B 86 2.65 -7.91 25.09
N THR B 87 2.85 -7.97 23.77
CA THR B 87 2.60 -9.19 23.02
C THR B 87 3.25 -10.40 23.69
N THR B 88 4.49 -10.23 24.18
CA THR B 88 5.28 -11.33 24.74
C THR B 88 4.72 -11.88 26.04
N LYS B 89 3.81 -11.17 26.70
CA LYS B 89 3.14 -11.73 27.87
C LYS B 89 2.35 -12.99 27.53
N TYR B 90 1.78 -13.06 26.33
CA TYR B 90 0.94 -14.18 25.94
C TYR B 90 1.64 -15.15 25.01
N TRP B 91 2.85 -14.83 24.55
CA TRP B 91 3.60 -15.71 23.67
C TRP B 91 5.05 -15.70 24.14
N PRO B 92 5.35 -16.45 25.21
CA PRO B 92 6.72 -16.42 25.75
C PRO B 92 7.78 -16.84 24.76
N GLU B 93 7.45 -17.72 23.81
CA GLU B 93 8.38 -18.14 22.79
C GLU B 93 8.77 -17.03 21.84
N LEU B 94 8.02 -15.92 21.84
CA LEU B 94 8.30 -14.76 20.99
C LEU B 94 9.33 -13.88 21.71
N THR B 95 10.60 -14.21 21.54
CA THR B 95 11.67 -13.57 22.28
C THR B 95 12.39 -12.47 21.52
N ALA B 96 12.16 -12.33 20.21
CA ALA B 96 12.92 -11.40 19.42
C ALA B 96 12.71 -9.96 19.89
N LYS B 97 13.78 -9.16 19.82
CA LYS B 97 13.84 -7.85 20.47
C LYS B 97 12.88 -6.84 19.85
N GLN B 98 12.55 -6.98 18.57
CA GLN B 98 11.69 -5.99 17.92
C GLN B 98 10.30 -5.97 18.51
N TRP B 99 9.92 -7.01 19.26
CA TRP B 99 8.62 -7.07 19.90
C TRP B 99 8.55 -6.28 21.19
N ASN B 100 9.69 -5.81 21.72
N ASN B 100 9.70 -5.83 21.72
CA ASN B 100 9.69 -4.95 22.88
CA ASN B 100 9.68 -4.95 22.88
C ASN B 100 9.05 -3.62 22.53
C ASN B 100 9.02 -3.63 22.50
N GLY B 101 7.91 -3.32 23.15
CA GLY B 101 7.17 -2.11 22.87
C GLY B 101 5.91 -2.32 22.06
N ILE B 102 5.69 -3.51 21.52
CA ILE B 102 4.49 -3.79 20.72
C ILE B 102 3.45 -4.44 21.62
N THR B 103 2.33 -3.76 21.80
CA THR B 103 1.30 -4.19 22.73
C THR B 103 0.13 -4.82 21.98
N LEU B 104 -0.81 -5.37 22.76
CA LEU B 104 -2.04 -5.88 22.19
C LEU B 104 -2.82 -4.78 21.48
N LEU B 105 -2.79 -3.56 22.01
CA LEU B 105 -3.42 -2.43 21.31
C LEU B 105 -2.88 -2.31 19.89
N HIS B 106 -1.55 -2.36 19.75
CA HIS B 106 -0.96 -2.17 18.43
C HIS B 106 -1.39 -3.26 17.48
N LEU B 107 -1.39 -4.51 17.95
CA LEU B 107 -1.85 -5.60 17.11
C LEU B 107 -3.30 -5.40 16.70
N ALA B 108 -4.16 -5.04 17.65
CA ALA B 108 -5.58 -4.98 17.37
C ALA B 108 -5.94 -3.84 16.41
N THR B 109 -5.10 -2.80 16.35
CA THR B 109 -5.41 -1.60 15.57
C THR B 109 -4.45 -1.38 14.41
N TYR B 110 -3.64 -2.39 14.05
CA TYR B 110 -2.79 -2.35 12.87
C TYR B 110 -1.68 -1.31 12.99
N THR B 111 -1.23 -1.05 14.21
CA THR B 111 -0.23 -0.01 14.46
C THR B 111 1.06 -0.58 15.03
N ALA B 112 1.35 -1.86 14.79
CA ALA B 112 2.54 -2.48 15.36
C ALA B 112 3.83 -2.10 14.64
N GLY B 113 3.75 -1.52 13.45
CA GLY B 113 4.96 -1.15 12.72
C GLY B 113 5.10 -1.77 11.34
N GLY B 114 4.00 -2.05 10.66
CA GLY B 114 4.06 -2.57 9.31
C GLY B 114 3.95 -4.07 9.16
N LEU B 115 3.27 -4.75 10.08
CA LEU B 115 2.93 -6.15 9.85
C LEU B 115 2.18 -6.28 8.52
N PRO B 116 2.42 -7.34 7.75
CA PRO B 116 1.88 -7.39 6.39
C PRO B 116 0.40 -7.70 6.34
N LEU B 117 -0.21 -7.30 5.23
CA LEU B 117 -1.63 -7.55 5.01
C LEU B 117 -1.98 -9.01 5.25
N GLN B 118 -1.18 -9.92 4.73
CA GLN B 118 -1.46 -11.35 4.84
C GLN B 118 -0.34 -12.05 5.59
N VAL B 119 -0.70 -13.04 6.39
CA VAL B 119 0.32 -14.01 6.81
C VAL B 119 0.78 -14.76 5.58
N PRO B 120 2.09 -14.94 5.37
CA PRO B 120 2.55 -15.65 4.16
C PRO B 120 1.88 -17.00 4.01
N ASP B 121 1.54 -17.34 2.77
N ASP B 121 1.56 -17.35 2.77
CA ASP B 121 0.90 -18.62 2.47
CA ASP B 121 0.88 -18.62 2.49
C ASP B 121 1.73 -19.79 2.97
C ASP B 121 1.73 -19.82 2.86
N GLU B 122 3.05 -19.65 2.98
CA GLU B 122 3.93 -20.74 3.39
C GLU B 122 3.80 -21.08 4.87
N VAL B 123 3.18 -20.22 5.68
CA VAL B 123 3.04 -20.47 7.11
C VAL B 123 1.93 -21.49 7.30
N LYS B 124 2.30 -22.70 7.73
CA LYS B 124 1.34 -23.78 7.87
C LYS B 124 1.21 -24.32 9.29
N SER B 125 2.29 -24.33 10.07
CA SER B 125 2.31 -24.91 11.40
C SER B 125 2.47 -23.81 12.45
N SER B 126 2.29 -24.19 13.72
CA SER B 126 2.55 -23.26 14.81
C SER B 126 4.02 -22.87 14.87
N SER B 127 4.91 -23.82 14.54
CA SER B 127 6.33 -23.49 14.43
C SER B 127 6.60 -22.48 13.32
N ASP B 128 5.95 -22.66 12.16
CA ASP B 128 6.09 -21.70 11.07
C ASP B 128 5.64 -20.32 11.50
N LEU B 129 4.52 -20.25 12.23
CA LEU B 129 3.97 -18.96 12.63
C LEU B 129 4.90 -18.25 13.59
N LEU B 130 5.45 -18.97 14.56
CA LEU B 130 6.46 -18.40 15.45
C LEU B 130 7.66 -17.88 14.67
N ARG B 131 8.16 -18.68 13.72
CA ARG B 131 9.31 -18.23 12.94
C ARG B 131 8.97 -16.98 12.16
N PHE B 132 7.76 -16.91 11.60
CA PHE B 132 7.34 -15.73 10.85
C PHE B 132 7.44 -14.47 11.70
N TYR B 133 6.83 -14.49 12.88
CA TYR B 133 6.83 -13.30 13.73
C TYR B 133 8.20 -13.04 14.34
N GLN B 134 8.95 -14.09 14.66
CA GLN B 134 10.30 -13.90 15.20
C GLN B 134 11.22 -13.23 14.19
N ASN B 135 11.05 -13.57 12.93
N ASN B 135 11.05 -13.55 12.91
CA ASN B 135 11.90 -13.03 11.86
CA ASN B 135 11.92 -13.03 11.86
C ASN B 135 11.45 -11.64 11.44
C ASN B 135 11.36 -11.79 11.17
N TRP B 136 10.17 -11.34 11.56
CA TRP B 136 9.62 -10.09 11.03
C TRP B 136 10.33 -8.88 11.62
N GLN B 137 10.78 -8.00 10.74
CA GLN B 137 11.42 -6.77 11.16
C GLN B 137 10.50 -5.59 10.87
N PRO B 138 10.12 -4.80 11.87
CA PRO B 138 9.20 -3.69 11.61
C PRO B 138 9.79 -2.67 10.67
N ALA B 139 8.93 -2.12 9.80
CA ALA B 139 9.35 -1.04 8.93
C ALA B 139 9.31 0.32 9.63
N TRP B 140 8.60 0.42 10.75
CA TRP B 140 8.57 1.66 11.51
C TRP B 140 8.21 1.33 12.96
N ALA B 141 8.16 2.37 13.80
CA ALA B 141 8.01 2.17 15.24
C ALA B 141 6.55 1.89 15.61
N PRO B 142 6.30 1.29 16.78
CA PRO B 142 4.92 1.04 17.19
C PRO B 142 4.16 2.33 17.49
N GLY B 143 2.84 2.28 17.26
CA GLY B 143 1.97 3.37 17.65
C GLY B 143 2.11 4.66 16.87
N THR B 144 2.50 4.59 15.60
CA THR B 144 2.73 5.81 14.81
C THR B 144 2.01 5.80 13.47
N GLN B 145 1.81 4.60 12.91
CA GLN B 145 1.37 4.53 11.52
C GLN B 145 0.59 3.23 11.32
N ARG B 146 -0.61 3.37 10.78
CA ARG B 146 -1.55 2.27 10.61
C ARG B 146 -1.33 1.62 9.26
N LEU B 147 -1.27 0.29 9.24
CA LEU B 147 -1.27 -0.47 7.99
C LEU B 147 -2.19 -1.66 8.18
N TYR B 148 -3.37 -1.60 7.56
CA TYR B 148 -4.37 -2.65 7.73
C TYR B 148 -3.75 -4.03 7.44
N ALA B 149 -3.97 -4.97 8.36
CA ALA B 149 -3.22 -6.23 8.27
C ALA B 149 -3.93 -7.37 9.00
N ASN B 150 -4.17 -8.46 8.25
CA ASN B 150 -4.66 -9.69 8.87
C ASN B 150 -3.64 -10.27 9.85
N SER B 151 -2.35 -10.12 9.56
CA SER B 151 -1.33 -10.66 10.43
C SER B 151 -1.25 -9.90 11.75
N SER B 152 -1.86 -8.71 11.83
CA SER B 152 -1.85 -7.91 13.05
C SER B 152 -3.05 -8.29 13.92
N ILE B 153 -4.27 -8.03 13.44
CA ILE B 153 -5.43 -8.34 14.28
C ILE B 153 -5.62 -9.84 14.43
N GLY B 154 -5.16 -10.64 13.47
CA GLY B 154 -5.23 -12.07 13.61
C GLY B 154 -4.43 -12.57 14.80
N LEU B 155 -3.21 -12.06 14.98
CA LEU B 155 -2.43 -12.39 16.16
C LEU B 155 -3.08 -11.87 17.44
N PHE B 156 -3.66 -10.66 17.39
CA PHE B 156 -4.40 -10.15 18.52
C PHE B 156 -5.47 -11.14 18.96
N GLY B 157 -6.27 -11.64 18.03
CA GLY B 157 -7.32 -12.56 18.40
C GLY B 157 -6.78 -13.85 19.00
N ALA B 158 -5.72 -14.40 18.42
CA ALA B 158 -5.17 -15.66 18.92
C ALA B 158 -4.62 -15.50 20.33
N LEU B 159 -4.00 -14.36 20.63
CA LEU B 159 -3.45 -14.12 21.96
C LEU B 159 -4.53 -13.73 22.97
N ALA B 160 -5.56 -12.99 22.52
CA ALA B 160 -6.56 -12.47 23.44
C ALA B 160 -7.30 -13.58 24.16
N VAL B 161 -7.43 -14.74 23.52
CA VAL B 161 -8.16 -15.87 24.11
C VAL B 161 -7.27 -16.79 24.92
N LYS B 162 -5.97 -16.52 25.01
CA LYS B 162 -5.11 -17.44 25.76
C LYS B 162 -5.49 -17.59 27.22
N PRO B 163 -5.72 -16.54 28.00
CA PRO B 163 -6.08 -16.72 29.42
C PRO B 163 -7.38 -17.48 29.63
N SER B 164 -8.27 -17.52 28.64
CA SER B 164 -9.53 -18.23 28.77
C SER B 164 -9.37 -19.74 28.85
N GLY B 165 -8.26 -20.29 28.37
CA GLY B 165 -8.14 -21.73 28.26
C GLY B 165 -8.99 -22.35 27.18
N LEU B 166 -9.49 -21.55 26.25
CA LEU B 166 -10.32 -22.03 25.15
C LEU B 166 -9.61 -21.71 23.85
N SER B 167 -9.83 -22.53 22.83
CA SER B 167 -9.41 -22.17 21.49
C SER B 167 -10.16 -20.92 21.05
N PHE B 168 -9.62 -20.25 20.05
CA PHE B 168 -10.30 -19.07 19.52
C PHE B 168 -11.73 -19.39 19.11
N GLU B 169 -11.92 -20.52 18.42
CA GLU B 169 -13.26 -20.88 17.98
C GLU B 169 -14.19 -21.15 19.17
N GLN B 170 -13.72 -21.89 20.16
CA GLN B 170 -14.58 -22.19 21.29
C GLN B 170 -14.90 -20.93 22.09
N ALA B 171 -13.93 -20.03 22.23
CA ALA B 171 -14.19 -18.77 22.91
C ALA B 171 -15.20 -17.93 22.13
N MET B 172 -15.05 -17.84 20.82
CA MET B 172 -16.01 -17.05 20.03
C MET B 172 -17.41 -17.62 20.15
N LYS B 173 -17.53 -18.94 20.01
CA LYS B 173 -18.85 -19.59 20.08
C LYS B 173 -19.50 -19.34 21.42
N THR B 174 -18.76 -19.60 22.50
CA THR B 174 -19.39 -19.59 23.82
C THR B 174 -19.55 -18.18 24.38
N ARG B 175 -18.69 -17.24 23.98
CA ARG B 175 -18.70 -15.92 24.59
C ARG B 175 -19.37 -14.85 23.73
N VAL B 176 -19.54 -15.10 22.43
CA VAL B 176 -20.13 -14.10 21.54
C VAL B 176 -21.34 -14.68 20.80
N PHE B 177 -21.12 -15.73 19.99
CA PHE B 177 -22.21 -16.24 19.16
C PHE B 177 -23.40 -16.72 20.02
N GLN B 178 -23.14 -17.59 20.99
CA GLN B 178 -24.23 -18.15 21.78
C GLN B 178 -24.99 -17.10 22.58
N PRO B 179 -24.35 -16.21 23.36
CA PRO B 179 -25.15 -15.21 24.10
C PRO B 179 -26.00 -14.33 23.23
N LEU B 180 -25.52 -13.99 22.04
CA LEU B 180 -26.24 -13.13 21.12
C LEU B 180 -27.23 -13.89 20.24
N LYS B 181 -27.36 -15.21 20.45
CA LYS B 181 -28.30 -16.03 19.69
C LYS B 181 -27.99 -15.99 18.20
N LEU B 182 -26.71 -15.92 17.87
CA LEU B 182 -26.24 -16.05 16.49
C LEU B 182 -26.03 -17.53 16.25
N ASN B 183 -27.13 -18.24 16.04
CA ASN B 183 -27.12 -19.70 15.96
C ASN B 183 -26.84 -20.22 14.56
N HIS B 184 -26.69 -19.34 13.58
CA HIS B 184 -26.31 -19.72 12.23
C HIS B 184 -25.12 -18.91 11.76
N THR B 185 -24.16 -18.74 12.67
CA THR B 185 -22.90 -18.06 12.42
C THR B 185 -21.78 -19.01 12.82
N TRP B 186 -20.81 -19.20 11.92
CA TRP B 186 -19.86 -20.28 12.05
C TRP B 186 -18.47 -19.83 11.61
N ILE B 187 -17.47 -20.29 12.36
CA ILE B 187 -16.10 -20.25 11.87
C ILE B 187 -15.84 -21.44 10.95
N ASN B 188 -16.40 -22.60 11.30
CA ASN B 188 -16.34 -23.80 10.46
C ASN B 188 -17.77 -24.25 10.24
N VAL B 189 -18.21 -24.24 8.99
CA VAL B 189 -19.60 -24.60 8.68
C VAL B 189 -19.82 -26.08 8.96
N PRO B 190 -20.77 -26.43 9.84
CA PRO B 190 -21.06 -27.85 10.09
C PRO B 190 -21.57 -28.54 8.83
N SER B 191 -21.31 -29.85 8.76
CA SER B 191 -21.76 -30.64 7.61
C SER B 191 -23.26 -30.47 7.37
N ALA B 192 -24.04 -30.45 8.45
CA ALA B 192 -25.50 -30.32 8.30
C ALA B 192 -25.92 -28.96 7.77
N GLU B 193 -25.05 -27.95 7.82
CA GLU B 193 -25.37 -26.61 7.36
C GLU B 193 -24.86 -26.31 5.96
N GLU B 194 -24.10 -27.23 5.36
CA GLU B 194 -23.51 -26.97 4.05
C GLU B 194 -24.57 -26.73 2.98
N LYS B 195 -25.76 -27.31 3.15
CA LYS B 195 -26.83 -27.07 2.18
C LYS B 195 -27.22 -25.60 2.11
N ASN B 196 -26.89 -24.82 3.14
CA ASN B 196 -27.19 -23.40 3.19
C ASN B 196 -26.02 -22.51 2.80
N TYR B 197 -24.85 -23.09 2.55
CA TYR B 197 -23.62 -22.33 2.29
C TYR B 197 -23.58 -21.95 0.82
N ALA B 198 -23.75 -20.66 0.52
CA ALA B 198 -23.63 -20.17 -0.84
C ALA B 198 -22.24 -20.47 -1.37
N TRP B 199 -22.15 -20.71 -2.68
CA TRP B 199 -20.87 -20.62 -3.35
C TRP B 199 -20.54 -19.15 -3.59
N GLY B 200 -19.26 -18.82 -3.47
CA GLY B 200 -18.75 -17.57 -3.98
C GLY B 200 -18.40 -17.71 -5.45
N TYR B 201 -18.32 -16.58 -6.16
CA TYR B 201 -18.07 -16.63 -7.59
C TYR B 201 -16.98 -15.65 -7.97
N ARG B 202 -15.97 -16.16 -8.68
CA ARG B 202 -14.83 -15.37 -9.13
C ARG B 202 -14.46 -15.87 -10.52
N GLU B 203 -14.58 -14.98 -11.52
CA GLU B 203 -14.30 -15.36 -12.90
C GLU B 203 -15.10 -16.58 -13.34
N GLY B 204 -16.37 -16.63 -12.93
CA GLY B 204 -17.28 -17.69 -13.29
C GLY B 204 -17.06 -19.01 -12.57
N LYS B 205 -16.17 -19.06 -11.59
CA LYS B 205 -15.87 -20.28 -10.85
C LYS B 205 -16.45 -20.20 -9.44
N ALA B 206 -17.08 -21.29 -9.02
CA ALA B 206 -17.56 -21.42 -7.65
C ALA B 206 -16.36 -21.61 -6.73
N VAL B 207 -16.27 -20.76 -5.69
CA VAL B 207 -15.13 -20.80 -4.79
C VAL B 207 -15.60 -20.58 -3.36
N HIS B 208 -14.89 -21.21 -2.43
CA HIS B 208 -14.96 -20.93 -1.01
C HIS B 208 -13.58 -20.54 -0.52
N VAL B 209 -13.56 -19.80 0.60
CA VAL B 209 -12.29 -19.35 1.17
C VAL B 209 -11.45 -20.55 1.59
N SER B 210 -10.16 -20.46 1.35
CA SER B 210 -9.22 -21.54 1.64
C SER B 210 -8.69 -21.40 3.06
N PRO B 211 -8.30 -22.53 3.67
CA PRO B 211 -7.68 -22.44 5.00
C PRO B 211 -6.38 -21.64 4.94
N GLY B 212 -6.13 -20.87 6.00
CA GLY B 212 -4.92 -20.10 6.13
C GLY B 212 -4.64 -19.79 7.59
N ALA B 213 -3.38 -19.49 7.87
CA ALA B 213 -2.99 -19.17 9.25
C ALA B 213 -3.78 -17.97 9.75
N LEU B 214 -4.37 -18.12 10.94
CA LEU B 214 -5.11 -17.05 11.60
C LEU B 214 -6.36 -16.63 10.83
N ASP B 215 -6.87 -17.54 10.00
CA ASP B 215 -8.06 -17.25 9.20
C ASP B 215 -9.28 -16.97 10.08
N ALA B 216 -9.49 -17.78 11.12
CA ALA B 216 -10.67 -17.60 11.96
C ALA B 216 -10.71 -16.19 12.55
N GLU B 217 -9.55 -15.70 12.98
CA GLU B 217 -9.42 -14.41 13.65
C GLU B 217 -9.55 -13.22 12.71
N ALA B 218 -9.12 -13.35 11.47
CA ALA B 218 -9.06 -12.21 10.57
C ALA B 218 -10.12 -12.20 9.48
N TYR B 219 -10.61 -13.37 9.01
CA TYR B 219 -11.50 -13.30 7.86
C TYR B 219 -12.38 -14.53 7.69
N GLY B 220 -12.54 -15.39 8.69
CA GLY B 220 -13.10 -16.71 8.49
C GLY B 220 -14.54 -16.97 8.92
N VAL B 221 -15.30 -15.95 9.33
CA VAL B 221 -16.68 -16.17 9.78
C VAL B 221 -17.64 -16.23 8.59
N LYS B 222 -18.61 -17.13 8.67
CA LYS B 222 -19.71 -17.21 7.72
C LYS B 222 -21.01 -17.01 8.49
N SER B 223 -21.98 -16.31 7.89
CA SER B 223 -23.20 -16.01 8.62
C SER B 223 -24.34 -15.75 7.63
N THR B 224 -25.55 -15.71 8.17
CA THR B 224 -26.75 -15.42 7.39
C THR B 224 -27.14 -13.96 7.55
N ILE B 225 -28.06 -13.51 6.69
CA ILE B 225 -28.49 -12.13 6.80
C ILE B 225 -29.23 -11.88 8.09
N GLU B 226 -29.92 -12.89 8.63
CA GLU B 226 -30.65 -12.73 9.88
C GLU B 226 -29.69 -12.58 11.06
N ASP B 227 -28.66 -13.44 11.13
CA ASP B 227 -27.70 -13.31 12.22
C ASP B 227 -26.92 -12.01 12.12
N MET B 228 -26.60 -11.58 10.90
CA MET B 228 -25.87 -10.31 10.76
C MET B 228 -26.73 -9.12 11.14
N ALA B 229 -28.04 -9.17 10.85
CA ALA B 229 -28.92 -8.11 11.32
C ALA B 229 -28.92 -8.06 12.85
N ARG B 230 -28.94 -9.23 13.49
CA ARG B 230 -28.88 -9.30 14.95
C ARG B 230 -27.54 -8.80 15.48
N TRP B 231 -26.45 -9.08 14.76
CA TRP B 231 -25.15 -8.53 15.11
C TRP B 231 -25.18 -7.01 15.08
N VAL B 232 -25.78 -6.43 14.04
CA VAL B 232 -25.92 -4.97 13.96
C VAL B 232 -26.76 -4.45 15.12
N GLN B 233 -27.91 -5.09 15.40
CA GLN B 233 -28.75 -4.65 16.51
C GLN B 233 -27.98 -4.66 17.83
N SER B 234 -27.15 -5.69 18.04
CA SER B 234 -26.40 -5.80 19.29
C SER B 234 -25.34 -4.71 19.40
N ASN B 235 -24.73 -4.34 18.29
CA ASN B 235 -23.76 -3.26 18.28
C ASN B 235 -24.41 -1.88 18.30
N LEU B 236 -25.65 -1.77 17.81
CA LEU B 236 -26.41 -0.53 17.93
C LEU B 236 -26.82 -0.25 19.38
N LYS B 237 -27.20 -1.28 20.12
CA LYS B 237 -27.83 -1.14 21.43
C LYS B 237 -27.18 -2.10 22.42
N PRO B 238 -25.91 -1.88 22.76
CA PRO B 238 -25.22 -2.82 23.67
C PRO B 238 -25.85 -2.92 25.02
N LEU B 239 -26.60 -1.91 25.45
CA LEU B 239 -27.16 -1.95 26.80
C LEU B 239 -28.30 -2.97 26.92
N ASP B 240 -28.78 -3.52 25.81
CA ASP B 240 -29.77 -4.59 25.86
C ASP B 240 -29.15 -5.96 26.10
N ILE B 241 -27.83 -6.07 26.04
CA ILE B 241 -27.16 -7.36 26.16
C ILE B 241 -27.02 -7.72 27.62
N ASN B 242 -27.49 -8.93 27.99
CA ASN B 242 -27.56 -9.32 29.39
C ASN B 242 -26.19 -9.61 30.00
N GLU B 243 -25.26 -10.14 29.23
CA GLU B 243 -23.96 -10.53 29.76
C GLU B 243 -23.09 -9.28 29.86
N LYS B 244 -22.70 -8.92 31.09
N LYS B 244 -22.70 -8.92 31.09
CA LYS B 244 -22.08 -7.63 31.33
CA LYS B 244 -22.07 -7.63 31.33
C LYS B 244 -20.76 -7.47 30.57
C LYS B 244 -20.76 -7.48 30.57
N THR B 245 -19.91 -8.51 30.59
CA THR B 245 -18.61 -8.38 29.91
C THR B 245 -18.77 -8.27 28.40
N LEU B 246 -19.80 -8.90 27.83
CA LEU B 246 -20.02 -8.81 26.39
C LEU B 246 -20.58 -7.45 26.01
N GLN B 247 -21.51 -6.93 26.82
CA GLN B 247 -21.97 -5.55 26.66
C GLN B 247 -20.79 -4.57 26.69
N GLN B 248 -19.93 -4.70 27.70
CA GLN B 248 -18.75 -3.84 27.77
C GLN B 248 -17.80 -4.07 26.61
N GLY B 249 -17.67 -5.31 26.13
CA GLY B 249 -16.78 -5.58 25.01
C GLY B 249 -17.24 -4.89 23.74
N ILE B 250 -18.55 -4.84 23.53
CA ILE B 250 -19.11 -4.13 22.37
C ILE B 250 -18.79 -2.65 22.46
N GLN B 251 -18.91 -2.07 23.66
CA GLN B 251 -18.64 -0.65 23.81
C GLN B 251 -17.15 -0.35 23.60
N LEU B 252 -16.27 -1.24 24.08
CA LEU B 252 -14.84 -1.05 23.89
C LEU B 252 -14.44 -1.12 22.41
N ALA B 253 -15.09 -2.00 21.63
CA ALA B 253 -14.76 -2.14 20.23
C ALA B 253 -15.18 -0.92 19.41
N GLN B 254 -16.17 -0.16 19.88
CA GLN B 254 -16.55 1.10 19.25
C GLN B 254 -15.90 2.33 19.87
N SER B 255 -15.00 2.15 20.84
CA SER B 255 -14.24 3.29 21.29
C SER B 255 -13.24 3.70 20.20
N ARG B 256 -12.83 4.98 20.25
CA ARG B 256 -11.94 5.54 19.24
C ARG B 256 -10.52 5.58 19.80
N TYR B 257 -9.63 4.79 19.19
CA TYR B 257 -8.26 4.64 19.68
C TYR B 257 -7.25 5.47 18.89
N TRP B 258 -7.51 5.69 17.60
CA TRP B 258 -6.60 6.39 16.71
C TRP B 258 -7.43 7.16 15.71
N GLN B 259 -6.84 8.23 15.18
CA GLN B 259 -7.46 9.03 14.14
C GLN B 259 -6.49 9.18 12.98
N THR B 260 -7.00 9.01 11.75
CA THR B 260 -6.27 9.43 10.56
C THR B 260 -7.28 10.04 9.62
N GLY B 261 -7.02 11.27 9.19
CA GLY B 261 -8.01 11.99 8.39
C GLY B 261 -9.32 12.11 9.17
N ASP B 262 -10.41 11.72 8.52
CA ASP B 262 -11.72 11.78 9.15
C ASP B 262 -12.14 10.45 9.78
N MET B 263 -11.31 9.42 9.73
N MET B 263 -11.30 9.43 9.73
CA MET B 263 -11.71 8.12 10.25
CA MET B 263 -11.68 8.12 10.24
C MET B 263 -11.02 7.83 11.57
C MET B 263 -11.03 7.84 11.58
N TYR B 264 -11.73 7.06 12.40
CA TYR B 264 -11.25 6.60 13.68
C TYR B 264 -11.22 5.09 13.70
N GLN B 265 -10.19 4.52 14.30
CA GLN B 265 -10.01 3.08 14.41
C GLN B 265 -10.53 2.59 15.76
N GLY B 266 -11.48 1.66 15.73
CA GLY B 266 -11.90 0.91 16.88
C GLY B 266 -11.23 -0.44 16.94
N LEU B 267 -11.86 -1.38 17.63
CA LEU B 267 -11.40 -2.77 17.61
C LEU B 267 -12.27 -3.47 16.58
N GLY B 268 -11.70 -3.68 15.40
CA GLY B 268 -12.46 -4.21 14.28
C GLY B 268 -13.28 -3.16 13.56
N TRP B 269 -14.23 -2.56 14.25
CA TRP B 269 -15.01 -1.47 13.67
C TRP B 269 -14.13 -0.26 13.38
N GLU B 270 -14.55 0.50 12.37
CA GLU B 270 -14.01 1.82 12.07
C GLU B 270 -15.17 2.80 12.08
N MET B 271 -14.87 4.08 12.30
CA MET B 271 -15.93 5.04 12.60
C MET B 271 -15.58 6.40 12.01
N LEU B 272 -16.61 7.13 11.63
CA LEU B 272 -16.51 8.54 11.27
C LEU B 272 -17.61 9.30 12.02
N ASP B 273 -17.39 10.60 12.23
CA ASP B 273 -18.44 11.41 12.83
C ASP B 273 -19.61 11.57 11.88
N TRP B 274 -20.82 11.52 12.42
CA TRP B 274 -22.01 11.72 11.61
C TRP B 274 -22.61 13.07 11.90
N PRO B 275 -23.02 13.85 10.87
CA PRO B 275 -23.04 13.52 9.44
C PRO B 275 -21.68 13.63 8.79
N VAL B 276 -21.51 12.89 7.70
CA VAL B 276 -20.29 12.90 6.90
C VAL B 276 -20.71 13.08 5.44
N ASN B 277 -19.92 13.85 4.70
CA ASN B 277 -20.12 13.92 3.26
C ASN B 277 -19.89 12.54 2.65
N PRO B 278 -20.81 12.02 1.84
CA PRO B 278 -20.67 10.62 1.39
C PRO B 278 -19.37 10.33 0.65
N ASP B 279 -18.85 11.27 -0.13
CA ASP B 279 -17.63 10.97 -0.88
C ASP B 279 -16.48 10.60 0.05
N ILE B 280 -16.48 11.13 1.28
CA ILE B 280 -15.41 10.83 2.21
C ILE B 280 -15.40 9.34 2.55
N ILE B 281 -16.56 8.76 2.85
CA ILE B 281 -16.58 7.33 3.19
C ILE B 281 -16.42 6.48 1.93
N ILE B 282 -17.04 6.90 0.82
CA ILE B 282 -16.95 6.13 -0.41
C ILE B 282 -15.52 6.05 -0.91
N ASN B 283 -14.88 7.20 -1.08
CA ASN B 283 -13.51 7.20 -1.59
C ASN B 283 -12.54 6.62 -0.58
N GLY B 284 -12.76 6.83 0.71
CA GLY B 284 -11.89 6.23 1.71
C GLY B 284 -11.91 4.71 1.72
N SER B 285 -12.98 4.10 1.21
CA SER B 285 -13.08 2.65 1.22
C SER B 285 -12.34 2.01 0.06
N ASP B 286 -11.92 2.78 -0.94
CA ASP B 286 -11.10 2.21 -2.00
C ASP B 286 -9.81 1.68 -1.40
N ASN B 287 -9.42 0.47 -1.83
CA ASN B 287 -8.23 -0.18 -1.29
C ASN B 287 -6.96 0.65 -1.50
N LYS B 288 -6.93 1.52 -2.51
CA LYS B 288 -5.77 2.38 -2.68
C LYS B 288 -5.55 3.28 -1.46
N ILE B 289 -6.62 3.62 -0.76
CA ILE B 289 -6.55 4.36 0.50
C ILE B 289 -6.56 3.41 1.68
N ALA B 290 -7.52 2.49 1.71
CA ALA B 290 -7.77 1.69 2.91
C ALA B 290 -6.63 0.75 3.24
N LEU B 291 -5.84 0.34 2.26
CA LEU B 291 -4.75 -0.60 2.48
C LEU B 291 -3.39 0.06 2.56
N ALA B 292 -3.33 1.39 2.43
CA ALA B 292 -2.07 2.12 2.43
C ALA B 292 -1.65 2.47 3.86
N ALA B 293 -0.36 2.73 4.04
CA ALA B 293 0.13 3.20 5.34
C ALA B 293 -0.34 4.62 5.60
N ARG B 294 -0.81 4.88 6.80
CA ARG B 294 -1.27 6.22 7.16
C ARG B 294 -0.81 6.58 8.56
N PRO B 295 -0.21 7.75 8.75
CA PRO B 295 0.08 8.20 10.12
C PRO B 295 -1.20 8.32 10.93
N VAL B 296 -1.11 7.97 12.21
CA VAL B 296 -2.24 8.08 13.11
C VAL B 296 -1.89 8.95 14.30
N LYS B 297 -2.90 9.68 14.80
N LYS B 297 -2.90 9.66 14.81
CA LYS B 297 -2.80 10.40 16.06
CA LYS B 297 -2.93 10.43 16.04
C LYS B 297 -3.51 9.58 17.12
C LYS B 297 -3.53 9.55 17.12
N PRO B 298 -2.89 9.37 18.28
CA PRO B 298 -3.56 8.59 19.33
C PRO B 298 -4.69 9.38 19.95
N ILE B 299 -5.72 8.65 20.35
N ILE B 299 -5.75 8.66 20.28
CA ILE B 299 -6.84 9.22 21.11
CA ILE B 299 -6.84 9.17 21.10
C ILE B 299 -6.81 8.55 22.47
C ILE B 299 -6.67 8.48 22.45
N THR B 300 -6.26 9.27 23.46
CA THR B 300 -5.92 8.68 24.74
C THR B 300 -6.44 9.55 25.87
N PRO B 301 -7.29 9.03 26.75
CA PRO B 301 -7.83 7.67 26.68
C PRO B 301 -8.79 7.57 25.49
N PRO B 302 -9.08 6.36 25.04
CA PRO B 302 -9.98 6.19 23.89
C PRO B 302 -11.30 6.90 24.14
N THR B 303 -11.80 7.61 23.12
CA THR B 303 -13.10 8.27 23.26
C THR B 303 -14.14 7.20 23.48
N PRO B 304 -14.98 7.31 24.51
CA PRO B 304 -16.07 6.34 24.64
C PRO B 304 -16.95 6.40 23.40
N ALA B 305 -17.50 5.26 23.02
CA ALA B 305 -18.30 5.09 21.81
C ALA B 305 -19.26 6.26 21.61
N VAL B 306 -19.13 6.91 20.46
CA VAL B 306 -19.89 8.11 20.14
C VAL B 306 -21.14 7.70 19.37
N ARG B 307 -22.31 8.12 19.85
CA ARG B 307 -23.54 7.69 19.21
C ARG B 307 -23.72 8.33 17.84
N ALA B 308 -23.27 9.59 17.69
CA ALA B 308 -23.35 10.31 16.41
C ALA B 308 -22.17 9.93 15.52
N SER B 309 -22.17 8.67 15.10
CA SER B 309 -21.08 8.11 14.30
C SER B 309 -21.67 7.28 13.18
N TRP B 310 -20.92 7.21 12.08
CA TRP B 310 -21.10 6.17 11.07
C TRP B 310 -20.08 5.10 11.41
N VAL B 311 -20.55 3.92 11.81
CA VAL B 311 -19.69 2.81 12.23
C VAL B 311 -19.78 1.76 11.13
N HIS B 312 -18.64 1.26 10.66
CA HIS B 312 -18.73 0.37 9.51
C HIS B 312 -17.53 -0.56 9.38
N LYS B 313 -17.68 -1.54 8.49
CA LYS B 313 -16.59 -2.44 8.13
C LYS B 313 -16.94 -3.12 6.81
N THR B 314 -16.02 -3.08 5.84
N THR B 314 -15.97 -3.17 5.91
CA THR B 314 -16.09 -3.89 4.63
CA THR B 314 -16.10 -3.90 4.66
C THR B 314 -15.37 -5.22 4.85
C THR B 314 -15.26 -5.16 4.73
N GLY B 315 -15.69 -6.19 4.00
CA GLY B 315 -14.97 -7.45 4.01
C GLY B 315 -15.14 -8.18 2.70
N ALA B 316 -14.12 -8.97 2.37
CA ALA B 316 -14.17 -9.74 1.14
C ALA B 316 -13.39 -11.03 1.31
N THR B 317 -13.78 -12.02 0.53
CA THR B 317 -12.96 -13.18 0.22
C THR B 317 -12.86 -13.25 -1.29
N GLY B 318 -12.24 -14.31 -1.80
CA GLY B 318 -12.13 -14.44 -3.25
C GLY B 318 -13.48 -14.39 -3.96
N GLY B 319 -14.51 -14.96 -3.34
CA GLY B 319 -15.81 -15.05 -3.98
C GLY B 319 -16.93 -14.27 -3.34
N PHE B 320 -16.66 -13.45 -2.32
CA PHE B 320 -17.72 -12.78 -1.57
C PHE B 320 -17.32 -11.35 -1.27
N GLY B 321 -18.34 -10.50 -1.15
CA GLY B 321 -18.13 -9.12 -0.72
C GLY B 321 -19.22 -8.72 0.25
N SER B 322 -18.82 -8.17 1.40
N SER B 322 -18.82 -8.19 1.39
CA SER B 322 -19.76 -7.88 2.48
CA SER B 322 -19.75 -7.85 2.46
C SER B 322 -19.50 -6.48 3.01
C SER B 322 -19.54 -6.41 2.88
N TYR B 323 -20.55 -5.87 3.55
CA TYR B 323 -20.43 -4.54 4.14
C TYR B 323 -21.48 -4.38 5.23
N VAL B 324 -21.08 -3.74 6.33
N VAL B 324 -21.08 -3.77 6.34
CA VAL B 324 -21.98 -3.45 7.45
CA VAL B 324 -22.01 -3.45 7.43
C VAL B 324 -21.76 -1.99 7.85
C VAL B 324 -21.76 -2.00 7.85
N ALA B 325 -22.84 -1.26 8.07
CA ALA B 325 -22.71 0.11 8.55
C ALA B 325 -23.90 0.43 9.45
N PHE B 326 -23.67 1.25 10.47
CA PHE B 326 -24.78 1.62 11.33
C PHE B 326 -24.51 2.97 11.99
N ILE B 327 -25.59 3.60 12.41
CA ILE B 327 -25.56 4.93 13.02
C ILE B 327 -26.29 4.83 14.35
N PRO B 328 -25.59 4.69 15.47
CA PRO B 328 -26.29 4.42 16.74
C PRO B 328 -27.33 5.46 17.12
N GLU B 329 -27.02 6.74 16.92
CA GLU B 329 -27.96 7.80 17.31
C GLU B 329 -29.30 7.67 16.59
N LYS B 330 -29.31 7.10 15.39
CA LYS B 330 -30.53 6.97 14.60
C LYS B 330 -31.15 5.59 14.66
N GLU B 331 -30.56 4.65 15.40
CA GLU B 331 -31.04 3.27 15.46
C GLU B 331 -31.20 2.68 14.06
N LEU B 332 -30.23 2.98 13.21
CA LEU B 332 -30.32 2.72 11.78
C LEU B 332 -29.07 1.94 11.36
N GLY B 333 -29.26 0.91 10.54
CA GLY B 333 -28.11 0.13 10.08
C GLY B 333 -28.42 -0.62 8.81
N ILE B 334 -27.38 -1.17 8.21
CA ILE B 334 -27.55 -1.96 6.99
C ILE B 334 -26.47 -3.04 6.94
N VAL B 335 -26.86 -4.21 6.43
CA VAL B 335 -25.94 -5.30 6.11
C VAL B 335 -26.14 -5.63 4.64
N MET B 336 -25.04 -5.74 3.91
CA MET B 336 -25.08 -6.14 2.50
C MET B 336 -24.14 -7.32 2.31
N LEU B 337 -24.69 -8.49 1.94
CA LEU B 337 -23.89 -9.70 1.74
C LEU B 337 -24.07 -10.15 0.29
N ALA B 338 -22.96 -10.36 -0.43
CA ALA B 338 -23.03 -10.80 -1.82
C ALA B 338 -22.04 -11.91 -2.06
N ASN B 339 -22.36 -12.80 -2.99
CA ASN B 339 -21.46 -13.88 -3.39
C ASN B 339 -20.66 -13.56 -4.65
N LYS B 340 -20.22 -12.32 -4.75
CA LYS B 340 -19.14 -11.88 -5.64
C LYS B 340 -18.39 -10.78 -4.90
N ASN B 341 -17.07 -10.79 -5.02
CA ASN B 341 -16.26 -9.69 -4.52
C ASN B 341 -16.34 -8.55 -5.54
N TYR B 342 -17.02 -7.47 -5.19
CA TYR B 342 -17.16 -6.30 -6.07
C TYR B 342 -16.64 -5.08 -5.31
N PRO B 343 -16.33 -3.98 -6.01
CA PRO B 343 -15.51 -2.94 -5.39
C PRO B 343 -16.13 -2.32 -4.14
N ASN B 344 -15.27 -2.10 -3.14
CA ASN B 344 -15.69 -1.46 -1.89
C ASN B 344 -16.46 -0.17 -2.08
N PRO B 345 -16.01 0.78 -2.92
CA PRO B 345 -16.76 2.04 -3.02
C PRO B 345 -18.19 1.87 -3.49
N ALA B 346 -18.46 0.86 -4.32
CA ALA B 346 -19.83 0.59 -4.74
C ALA B 346 -20.69 0.11 -3.57
N ARG B 347 -20.11 -0.64 -2.65
CA ARG B 347 -20.87 -1.08 -1.48
C ARG B 347 -21.24 0.11 -0.62
N VAL B 348 -20.25 0.96 -0.34
CA VAL B 348 -20.45 2.11 0.54
C VAL B 348 -21.42 3.10 -0.06
N ALA B 349 -21.30 3.36 -1.38
CA ALA B 349 -22.18 4.33 -2.01
C ALA B 349 -23.64 3.87 -1.93
N ALA B 350 -23.88 2.58 -2.14
CA ALA B 350 -25.23 2.05 -2.00
C ALA B 350 -25.73 2.12 -0.56
N ALA B 351 -24.88 1.76 0.40
CA ALA B 351 -25.30 1.84 1.79
C ALA B 351 -25.66 3.27 2.18
N TRP B 352 -24.85 4.23 1.77
CA TRP B 352 -25.14 5.62 2.12
C TRP B 352 -26.44 6.08 1.48
N GLN B 353 -26.68 5.72 0.22
CA GLN B 353 -27.92 6.14 -0.43
C GLN B 353 -29.13 5.64 0.34
N ILE B 354 -29.06 4.43 0.88
CA ILE B 354 -30.19 3.86 1.61
C ILE B 354 -30.33 4.50 2.99
N LEU B 355 -29.23 4.58 3.76
CA LEU B 355 -29.33 5.13 5.11
C LEU B 355 -29.63 6.62 5.10
N ASN B 356 -29.03 7.37 4.18
CA ASN B 356 -29.31 8.80 4.09
C ASN B 356 -30.79 9.06 3.85
N ALA B 357 -31.42 8.22 3.04
CA ALA B 357 -32.84 8.39 2.72
C ALA B 357 -33.74 8.11 3.91
N LEU B 358 -33.26 7.35 4.90
CA LEU B 358 -34.08 6.95 6.04
C LEU B 358 -33.78 7.73 7.31
N GLN B 359 -32.87 8.68 7.26
CA GLN B 359 -32.46 9.43 8.44
C GLN B 359 -33.61 10.29 8.98
C1 EDO C . 12.28 -0.15 -4.71
O1 EDO C . 11.38 0.47 -3.78
C2 EDO C . 13.41 0.82 -5.05
O2 EDO C . 12.90 1.99 -5.71
C1 EDO D . 10.00 -7.93 -31.20
O1 EDO D . 8.72 -8.25 -30.64
C2 EDO D . 11.01 -8.98 -30.81
O2 EDO D . 11.86 -8.48 -29.78
C1 EDO E . 12.64 -11.03 -26.94
O1 EDO E . 11.88 -12.07 -27.56
C2 EDO E . 13.86 -10.72 -27.80
O2 EDO E . 13.72 -9.44 -28.42
C1 EDO F . 3.68 22.40 -15.05
O1 EDO F . 2.29 22.09 -14.90
C2 EDO F . 4.07 23.48 -14.03
O2 EDO F . 5.00 24.40 -14.60
C1 EDO G . 31.29 18.28 -18.16
O1 EDO G . 31.27 16.96 -17.63
C2 EDO G . 30.32 18.37 -19.33
O2 EDO G . 29.47 19.51 -19.16
CAA 9EP H . -0.10 5.65 -4.59
OAB 9EP H . 0.64 6.19 -5.58
CAC 9EP H . 1.30 5.26 -6.47
CAD 9EP H . 2.53 5.93 -7.02
SAE 9EP H . 4.16 8.14 -6.82
CAF 9EP H . 3.03 5.70 -8.25
CAG 9EP H . 2.26 4.88 -9.28
OAH 9EP H . 2.09 5.40 -10.36
OAI 9EP H . 1.93 3.75 -8.94
NAJ 9EP H . 4.29 6.19 -8.63
CAK 9EP H . 5.19 7.00 -7.80
CAL 9EP H . 6.15 7.91 -8.61
NAM 9EP H . 5.52 8.42 -9.81
CAN 9EP H . 5.16 9.70 -9.91
CAO 9EP H . 7.58 7.42 -8.93
OAP 9EP H . 7.71 6.54 -9.73
CAQ 9EP H . -0.75 6.70 -3.76
CAR 9EP H . 3.15 6.88 -6.03
OAS 9EP H . -0.20 4.46 -4.42
CAT 9EP H . 4.92 10.20 -11.31
OAU 9EP H . 5.02 10.42 -8.92
CAV 9EP H . 3.52 10.02 -11.81
CAW 9EP H . 2.85 10.80 -12.73
SAX 9EP H . 2.53 8.75 -11.24
CAY 9EP H . 1.21 9.27 -12.18
CAZ 9EP H . 1.52 10.36 -12.91
C1 EDO I . -18.71 -26.94 0.19
O1 EDO I . -19.64 -27.09 1.26
C2 EDO I . -18.16 -28.30 -0.23
O2 EDO I . -19.17 -29.04 -0.89
C1 EDO J . -14.41 0.32 6.18
O1 EDO J . -14.00 -1.06 6.28
C2 EDO J . -14.18 0.89 4.79
O2 EDO J . -12.79 0.85 4.46
C1 EDO K . -18.63 3.67 -7.35
O1 EDO K . -19.45 2.51 -7.54
C2 EDO K . -19.01 4.33 -6.03
O2 EDO K . -18.35 5.60 -5.95
C1 EDO L . -5.19 -8.48 32.73
O1 EDO L . -5.03 -9.62 33.59
C2 EDO L . -3.85 -7.76 32.60
O2 EDO L . -2.89 -8.63 32.01
CAA 9EP M . -6.74 -5.56 -3.36
OAB 9EP M . -7.62 -6.44 -2.84
CAC 9EP M . -7.12 -7.71 -2.36
CAD 9EP M . -7.95 -8.17 -1.20
SAE 9EP M . -7.12 -8.65 1.32
CAF 9EP M . -9.17 -7.68 -0.85
CAG 9EP M . -10.21 -7.19 -1.85
OAH 9EP M . -10.12 -7.61 -2.99
OAI 9EP M . -11.04 -6.41 -1.40
NAJ 9EP M . -9.54 -7.67 0.47
CAK 9EP M . -8.68 -7.76 1.65
CAL 9EP M . -9.42 -8.44 2.79
NAM 9EP M . -9.66 -9.87 2.59
CAN 9EP M . -8.93 -10.80 3.22
CAO 9EP M . -10.73 -7.73 3.17
OAP 9EP M . -11.69 -8.37 3.50
CAQ 9EP M . -5.34 -5.90 -3.01
CAR 9EP M . -7.40 -9.27 -0.35
OAS 9EP M . -7.08 -4.62 -4.02
CAT 9EP M . -9.51 -12.20 3.18
OAU 9EP M . -7.86 -10.56 3.75
CAV 9EP M . -9.34 -12.85 1.83
CAW 9EP M . -9.15 -12.20 0.61
SAX 9EP M . -9.39 -14.54 1.64
CAY 9EP M . -9.05 -14.42 -0.02
CAZ 9EP M . -8.98 -13.14 -0.44
#